data_8YO9
#
_entry.id   8YO9
#
_entity_poly.entity_id   1
_entity_poly.type   'polypeptide(L)'
_entity_poly.pdbx_seq_one_letter_code
;MQLNNRDLKSIIDNEALAYAMYTVENRAIPNMIDGFKPVQRFVIARALDLARGNKDKFHKLASIAGGVADLGYHHGENSA
QDAGALMANTWNNNFPLLDGQGNFGSRTVQKAAASRYIFARVSKNFYNVYKDTEYAPVHQDKEHIPPAFYLPIIPTVLLN
GVSGIATGYATYILPHSVSSVKKAVLQALQGKKVTKPKVEFPEFRGEVVEIDGQYEIRGTYKFTSRTQMHITEIPYKYDR
ETYVSKILDPLENKGFITWDDACGEHGFGFKVKFRKEYSLSDNEEERHAKIMKDFGLIERRSQNITVINEKGKLQVYDNV
VDLIKDFVEVRKTYVQKRIDNKIKETESAFRLAFAKAHFIKKVISGEIVVQGKTRKELTEELSKIDMYSSYVDKLVGMNI
FHMTSDEAKKLAEEAKAKKEENEYWKTTDVVTEYTKDLEEIKHHHHHHHHHH
;
_entity_poly.pdbx_strand_id   A,B
#
# COMPACT_ATOMS: atom_id res chain seq x y z
N TYR A 22 -20.70 2.18 -29.76
CA TYR A 22 -20.02 1.65 -28.60
C TYR A 22 -21.00 1.47 -27.44
N THR A 23 -22.01 2.36 -27.39
CA THR A 23 -22.98 2.32 -26.29
C THR A 23 -23.98 1.18 -26.44
N VAL A 24 -24.05 0.54 -27.61
CA VAL A 24 -24.98 -0.55 -27.82
C VAL A 24 -24.47 -1.85 -27.19
N GLU A 25 -23.18 -1.93 -26.87
CA GLU A 25 -22.58 -3.17 -26.40
C GLU A 25 -21.89 -3.07 -25.05
N ASN A 26 -21.47 -1.87 -24.61
CA ASN A 26 -20.62 -1.77 -23.43
C ASN A 26 -21.05 -0.69 -22.44
N ARG A 27 -22.20 -0.06 -22.64
CA ARG A 27 -22.59 1.02 -21.74
C ARG A 27 -24.01 0.88 -21.18
N ALA A 28 -24.96 0.46 -22.00
CA ALA A 28 -26.37 0.67 -21.69
C ALA A 28 -27.13 -0.61 -21.40
N ILE A 29 -26.95 -1.65 -22.20
CA ILE A 29 -27.86 -2.79 -22.20
C ILE A 29 -27.10 -4.01 -21.66
N PRO A 30 -27.67 -4.76 -20.69
CA PRO A 30 -26.94 -5.90 -20.08
C PRO A 30 -26.84 -7.15 -20.94
N ASN A 31 -26.43 -8.26 -20.31
CA ASN A 31 -26.12 -9.53 -20.97
C ASN A 31 -26.99 -10.63 -20.36
N MET A 32 -27.01 -11.80 -21.03
CA MET A 32 -27.71 -12.98 -20.51
C MET A 32 -27.09 -13.47 -19.21
N ILE A 33 -25.80 -13.81 -19.25
CA ILE A 33 -25.24 -14.79 -18.32
C ILE A 33 -25.06 -14.20 -16.93
N ASP A 34 -24.23 -13.14 -16.83
CA ASP A 34 -24.10 -12.45 -15.57
C ASP A 34 -25.37 -11.69 -15.21
N GLY A 35 -26.09 -11.19 -16.21
CA GLY A 35 -27.31 -10.46 -15.94
C GLY A 35 -27.10 -9.00 -15.59
N PHE A 36 -25.97 -8.43 -16.00
CA PHE A 36 -25.59 -7.08 -15.61
C PHE A 36 -24.86 -6.40 -16.76
N LYS A 37 -24.92 -5.07 -16.77
CA LYS A 37 -24.19 -4.26 -17.73
C LYS A 37 -22.69 -4.29 -17.40
N PRO A 38 -21.82 -3.90 -18.34
CA PRO A 38 -20.39 -3.75 -18.01
C PRO A 38 -20.11 -2.76 -16.89
N VAL A 39 -20.88 -1.68 -16.78
CA VAL A 39 -20.76 -0.78 -15.62
C VAL A 39 -21.20 -1.49 -14.34
N GLN A 40 -22.21 -2.35 -14.44
CA GLN A 40 -22.67 -3.09 -13.28
C GLN A 40 -21.69 -4.22 -12.94
N ARG A 41 -21.03 -4.76 -13.95
CA ARG A 41 -19.93 -5.68 -13.70
C ARG A 41 -18.75 -4.98 -13.01
N PHE A 42 -18.49 -3.73 -13.40
CA PHE A 42 -17.46 -2.93 -12.73
C PHE A 42 -17.80 -2.68 -11.27
N VAL A 43 -19.07 -2.36 -10.97
CA VAL A 43 -19.40 -2.02 -9.58
C VAL A 43 -19.41 -3.28 -8.71
N ILE A 44 -19.83 -4.43 -9.25
CA ILE A 44 -19.79 -5.64 -8.42
C ILE A 44 -18.35 -6.14 -8.28
N ALA A 45 -17.51 -5.92 -9.29
CA ALA A 45 -16.11 -6.33 -9.19
C ALA A 45 -15.34 -5.43 -8.24
N ARG A 46 -15.69 -4.14 -8.18
CA ARG A 46 -15.03 -3.25 -7.23
C ARG A 46 -15.49 -3.54 -5.81
N ALA A 47 -16.78 -3.91 -5.65
CA ALA A 47 -17.26 -4.36 -4.35
C ALA A 47 -16.53 -5.63 -3.89
N LEU A 48 -16.32 -6.57 -4.81
CA LEU A 48 -15.60 -7.80 -4.48
C LEU A 48 -14.13 -7.52 -4.20
N ASP A 49 -13.52 -6.61 -4.96
CA ASP A 49 -12.11 -6.28 -4.76
C ASP A 49 -11.87 -5.57 -3.45
N LEU A 50 -12.81 -4.71 -3.04
CA LEU A 50 -12.73 -4.12 -1.70
C LEU A 50 -13.00 -5.15 -0.62
N ALA A 51 -13.92 -6.08 -0.88
CA ALA A 51 -14.23 -7.13 0.08
C ALA A 51 -13.27 -8.31 0.03
N ARG A 52 -12.18 -8.20 -0.73
CA ARG A 52 -11.15 -9.25 -0.73
C ARG A 52 -10.47 -9.37 0.64
N GLY A 53 -10.36 -8.26 1.36
CA GLY A 53 -9.79 -8.31 2.70
C GLY A 53 -10.71 -8.99 3.70
N ASN A 54 -11.99 -8.65 3.68
CA ASN A 54 -12.98 -9.25 4.56
C ASN A 54 -14.35 -9.08 3.93
N LYS A 55 -15.21 -10.10 4.07
CA LYS A 55 -16.53 -10.06 3.44
C LYS A 55 -17.47 -9.14 4.20
N ASP A 56 -17.53 -9.26 5.52
CA ASP A 56 -18.60 -8.68 6.31
C ASP A 56 -18.48 -7.18 6.53
N LYS A 57 -17.39 -6.55 6.10
CA LYS A 57 -17.23 -5.11 6.23
C LYS A 57 -17.81 -4.41 5.01
N PHE A 58 -18.34 -3.20 5.22
CA PHE A 58 -18.93 -2.40 4.16
C PHE A 58 -17.91 -1.43 3.60
N HIS A 59 -18.20 -0.92 2.40
CA HIS A 59 -17.27 -0.03 1.70
C HIS A 59 -18.04 1.14 1.12
N LYS A 60 -17.48 2.34 1.27
CA LYS A 60 -18.10 3.57 0.80
C LYS A 60 -18.21 3.57 -0.72
N LEU A 61 -19.41 3.90 -1.21
CA LEU A 61 -19.69 3.78 -2.64
C LEU A 61 -19.02 4.88 -3.45
N ALA A 62 -18.57 5.96 -2.79
CA ALA A 62 -17.70 6.92 -3.48
C ALA A 62 -16.35 6.29 -3.81
N SER A 63 -15.81 5.48 -2.90
CA SER A 63 -14.58 4.74 -3.20
C SER A 63 -14.82 3.69 -4.27
N ILE A 64 -16.04 3.14 -4.34
CA ILE A 64 -16.37 2.18 -5.39
C ILE A 64 -16.47 2.88 -6.74
N ALA A 65 -17.05 4.08 -6.76
CA ALA A 65 -17.13 4.86 -8.00
C ALA A 65 -15.76 5.38 -8.41
N GLY A 66 -14.84 5.53 -7.46
CA GLY A 66 -13.46 5.80 -7.82
C GLY A 66 -12.73 4.59 -8.35
N GLY A 67 -13.01 3.41 -7.80
CA GLY A 67 -12.29 2.20 -8.18
C GLY A 67 -12.82 1.49 -9.40
N VAL A 68 -14.03 1.84 -9.86
CA VAL A 68 -14.48 1.28 -11.14
C VAL A 68 -13.68 1.88 -12.29
N ALA A 69 -13.21 3.12 -12.14
CA ALA A 69 -12.30 3.69 -13.12
C ALA A 69 -10.93 3.01 -13.05
N ASP A 70 -10.55 2.51 -11.87
CA ASP A 70 -9.37 1.68 -11.77
C ASP A 70 -9.58 0.34 -12.47
N LEU A 71 -10.81 -0.19 -12.41
CA LEU A 71 -11.13 -1.39 -13.17
C LEU A 71 -11.35 -1.11 -14.65
N GLY A 72 -11.68 0.12 -15.02
CA GLY A 72 -11.80 0.47 -16.42
C GLY A 72 -13.07 1.20 -16.81
N TYR A 73 -13.83 1.70 -15.84
CA TYR A 73 -15.03 2.46 -16.16
C TYR A 73 -14.64 3.86 -16.61
N HIS A 74 -15.21 4.31 -17.74
CA HIS A 74 -14.80 5.55 -18.37
C HIS A 74 -16.01 6.33 -18.86
N HIS A 75 -17.04 6.43 -18.02
CA HIS A 75 -18.22 7.23 -18.32
C HIS A 75 -18.63 8.07 -17.11
N GLY A 76 -17.64 8.57 -16.38
CA GLY A 76 -17.91 9.45 -15.25
C GLY A 76 -18.26 8.70 -13.98
N GLU A 77 -17.64 9.07 -12.87
CA GLU A 77 -17.89 8.38 -11.60
C GLU A 77 -19.25 8.71 -11.01
N ASN A 78 -19.87 9.82 -11.42
CA ASN A 78 -21.21 10.13 -10.93
C ASN A 78 -22.25 9.19 -11.53
N SER A 79 -22.01 8.74 -12.77
CA SER A 79 -22.85 7.69 -13.35
C SER A 79 -22.67 6.38 -12.59
N ALA A 80 -21.46 6.13 -12.08
CA ALA A 80 -21.25 4.97 -11.23
C ALA A 80 -21.96 5.13 -9.89
N GLN A 81 -22.07 6.36 -9.38
CA GLN A 81 -22.88 6.61 -8.18
C GLN A 81 -24.35 6.34 -8.43
N ASP A 82 -24.85 6.74 -9.61
CA ASP A 82 -26.24 6.46 -9.98
C ASP A 82 -26.48 4.96 -10.12
N ALA A 83 -25.51 4.23 -10.68
CA ALA A 83 -25.63 2.78 -10.78
C ALA A 83 -25.58 2.11 -9.41
N GLY A 84 -24.73 2.64 -8.51
CA GLY A 84 -24.70 2.13 -7.15
C GLY A 84 -26.02 2.35 -6.42
N ALA A 85 -26.68 3.47 -6.70
CA ALA A 85 -28.05 3.64 -6.22
C ALA A 85 -29.02 2.70 -6.93
N LEU A 86 -28.71 2.29 -8.16
CA LEU A 86 -29.66 1.51 -8.94
C LEU A 86 -29.65 0.04 -8.51
N MET A 87 -28.49 -0.51 -8.17
CA MET A 87 -28.47 -1.84 -7.55
C MET A 87 -28.56 -1.84 -6.03
N ALA A 88 -28.23 -0.74 -5.36
CA ALA A 88 -28.12 -0.80 -3.90
C ALA A 88 -29.49 -0.74 -3.24
N ASN A 89 -30.50 -0.27 -3.97
CA ASN A 89 -31.87 -0.24 -3.47
C ASN A 89 -32.52 -1.63 -3.57
N THR A 90 -33.60 -1.80 -2.80
CA THR A 90 -34.33 -3.05 -2.77
C THR A 90 -35.75 -2.95 -3.32
N TRP A 91 -36.25 -1.73 -3.58
CA TRP A 91 -37.60 -1.57 -4.09
C TRP A 91 -37.70 -1.84 -5.58
N ASN A 92 -36.58 -1.94 -6.29
CA ASN A 92 -36.55 -2.34 -7.69
C ASN A 92 -35.81 -3.66 -7.87
N ASN A 93 -35.85 -4.54 -6.87
CA ASN A 93 -35.05 -5.76 -6.87
C ASN A 93 -35.76 -6.81 -6.02
N ASN A 94 -36.35 -7.81 -6.69
CA ASN A 94 -36.90 -8.96 -5.97
C ASN A 94 -35.81 -9.84 -5.37
N PHE A 95 -34.64 -9.91 -6.02
CA PHE A 95 -33.58 -10.83 -5.64
C PHE A 95 -32.32 -10.00 -5.42
N PRO A 96 -32.18 -9.37 -4.25
CA PRO A 96 -31.08 -8.42 -4.05
C PRO A 96 -29.73 -9.11 -3.93
N LEU A 97 -28.69 -8.40 -4.36
CA LEU A 97 -27.35 -8.97 -4.46
C LEU A 97 -26.27 -8.15 -3.78
N LEU A 98 -26.55 -6.94 -3.32
CA LEU A 98 -25.55 -6.09 -2.68
C LEU A 98 -26.13 -5.54 -1.38
N ASP A 99 -25.43 -5.79 -0.27
CA ASP A 99 -25.88 -5.27 1.01
C ASP A 99 -25.51 -3.80 1.14
N GLY A 100 -26.44 -3.00 1.62
CA GLY A 100 -26.26 -1.56 1.74
C GLY A 100 -26.41 -1.09 3.18
N GLN A 101 -25.58 -0.12 3.55
CA GLN A 101 -25.65 0.52 4.85
C GLN A 101 -25.78 2.02 4.65
N GLY A 102 -26.84 2.60 5.19
CA GLY A 102 -27.10 4.02 5.02
C GLY A 102 -28.52 4.29 4.54
N ASN A 103 -28.72 5.44 3.91
CA ASN A 103 -30.03 5.86 3.41
C ASN A 103 -30.06 5.62 1.91
N PHE A 104 -30.92 4.70 1.46
CA PHE A 104 -31.05 4.37 0.05
C PHE A 104 -32.44 4.62 -0.50
N GLY A 105 -33.46 4.65 0.36
CA GLY A 105 -34.81 4.87 -0.10
C GLY A 105 -35.65 3.61 -0.07
N SER A 106 -36.81 3.73 -0.72
CA SER A 106 -37.81 2.67 -0.76
C SER A 106 -38.68 2.92 -1.99
N ARG A 107 -39.89 2.35 -2.01
CA ARG A 107 -40.84 2.65 -3.06
C ARG A 107 -41.32 4.11 -3.04
N THR A 108 -41.17 4.80 -1.91
CA THR A 108 -41.60 6.19 -1.80
C THR A 108 -40.72 7.12 -2.62
N VAL A 109 -39.43 7.19 -2.30
CA VAL A 109 -38.49 8.08 -2.99
C VAL A 109 -37.55 7.24 -3.84
N GLN A 110 -37.28 7.70 -5.06
CA GLN A 110 -36.50 6.94 -6.02
C GLN A 110 -35.05 7.39 -6.08
N LYS A 111 -34.60 8.23 -5.15
CA LYS A 111 -33.25 8.74 -5.13
C LYS A 111 -32.58 8.39 -3.82
N ALA A 112 -31.35 7.88 -3.89
CA ALA A 112 -30.57 7.57 -2.71
C ALA A 112 -29.79 8.80 -2.26
N ALA A 113 -28.94 8.62 -1.25
CA ALA A 113 -28.13 9.71 -0.72
C ALA A 113 -26.84 9.83 -1.52
N ALA A 114 -25.90 10.62 -1.02
CA ALA A 114 -24.62 10.78 -1.67
C ALA A 114 -23.78 9.51 -1.50
N SER A 115 -22.83 9.32 -2.41
CA SER A 115 -22.01 8.11 -2.40
C SER A 115 -21.03 8.10 -1.24
N ARG A 116 -20.72 9.30 -0.72
CA ARG A 116 -19.77 9.40 0.42
C ARG A 116 -20.50 8.99 1.70
N TYR A 117 -21.83 9.12 1.73
CA TYR A 117 -22.61 8.80 2.95
C TYR A 117 -23.02 7.33 2.97
N ILE A 118 -23.26 6.74 1.81
CA ILE A 118 -23.75 5.36 1.76
C ILE A 118 -22.59 4.40 1.62
N PHE A 119 -22.79 3.16 2.09
CA PHE A 119 -21.80 2.11 2.01
C PHE A 119 -22.42 0.86 1.38
N ALA A 120 -21.60 0.11 0.65
CA ALA A 120 -22.04 -1.08 -0.04
C ALA A 120 -21.04 -2.21 0.15
N ARG A 121 -21.56 -3.44 0.13
CA ARG A 121 -20.73 -4.63 0.24
C ARG A 121 -21.40 -5.77 -0.52
N VAL A 122 -20.60 -6.81 -0.80
CA VAL A 122 -21.12 -8.02 -1.43
C VAL A 122 -22.00 -8.76 -0.43
N SER A 123 -23.18 -9.17 -0.88
CA SER A 123 -24.16 -9.78 0.01
C SER A 123 -23.96 -11.29 0.09
N LYS A 124 -24.63 -11.90 1.08
CA LYS A 124 -24.64 -13.36 1.18
C LYS A 124 -25.41 -14.00 0.04
N ASN A 125 -26.43 -13.31 -0.49
CA ASN A 125 -27.19 -13.82 -1.62
C ASN A 125 -26.33 -13.89 -2.87
N PHE A 126 -25.39 -12.95 -3.02
CA PHE A 126 -24.47 -12.96 -4.15
C PHE A 126 -23.58 -14.20 -4.14
N TYR A 127 -23.06 -14.57 -2.97
CA TYR A 127 -22.31 -15.83 -2.88
C TYR A 127 -23.24 -17.04 -2.93
N ASN A 128 -24.53 -16.84 -2.63
CA ASN A 128 -25.47 -17.92 -2.85
C ASN A 128 -25.74 -18.15 -4.32
N VAL A 129 -25.54 -17.16 -5.19
CA VAL A 129 -25.79 -17.31 -6.61
C VAL A 129 -24.51 -17.31 -7.44
N TYR A 130 -23.51 -16.47 -7.11
CA TYR A 130 -22.34 -16.31 -7.97
C TYR A 130 -21.19 -17.17 -7.47
N LYS A 131 -21.29 -18.47 -7.75
CA LYS A 131 -20.19 -19.41 -7.58
C LYS A 131 -19.70 -19.89 -8.94
N ASP A 132 -18.46 -20.41 -8.94
CA ASP A 132 -17.71 -20.81 -10.14
C ASP A 132 -17.58 -19.66 -11.13
N THR A 133 -17.22 -18.48 -10.61
CA THR A 133 -17.03 -17.30 -11.44
C THR A 133 -15.67 -17.25 -12.11
N GLU A 134 -14.75 -18.15 -11.76
CA GLU A 134 -13.40 -18.10 -12.32
C GLU A 134 -13.32 -18.66 -13.72
N TYR A 135 -14.37 -19.34 -14.19
CA TYR A 135 -14.42 -19.84 -15.57
C TYR A 135 -15.06 -18.85 -16.52
N ALA A 136 -15.06 -17.56 -16.19
CA ALA A 136 -15.66 -16.56 -17.05
C ALA A 136 -14.75 -16.32 -18.26
N PRO A 137 -15.31 -16.32 -19.48
CA PRO A 137 -14.49 -16.01 -20.66
C PRO A 137 -14.04 -14.55 -20.65
N VAL A 138 -12.83 -14.32 -21.17
CA VAL A 138 -12.15 -13.04 -21.01
C VAL A 138 -12.81 -11.98 -21.88
N HIS A 139 -12.93 -10.76 -21.34
CA HIS A 139 -13.47 -9.62 -22.06
C HIS A 139 -12.60 -9.27 -23.27
N GLN A 140 -13.25 -8.71 -24.29
CA GLN A 140 -12.53 -8.24 -25.47
C GLN A 140 -11.65 -7.04 -25.13
N ASP A 141 -12.09 -6.21 -24.18
CA ASP A 141 -11.28 -5.12 -23.67
C ASP A 141 -10.28 -5.70 -22.65
N LYS A 142 -8.99 -5.65 -22.98
CA LYS A 142 -7.98 -6.21 -22.08
C LYS A 142 -7.75 -5.31 -20.87
N GLU A 143 -8.12 -4.04 -20.96
CA GLU A 143 -8.03 -3.14 -19.81
C GLU A 143 -9.19 -3.33 -18.84
N HIS A 144 -10.21 -4.10 -19.22
CA HIS A 144 -11.30 -4.43 -18.32
C HIS A 144 -10.85 -5.61 -17.46
N ILE A 145 -10.55 -5.32 -16.18
CA ILE A 145 -10.26 -6.40 -15.23
C ILE A 145 -11.45 -7.33 -15.03
N PRO A 146 -12.71 -6.87 -14.98
CA PRO A 146 -13.83 -7.81 -15.18
C PRO A 146 -13.79 -8.45 -16.56
N PRO A 147 -13.98 -9.76 -16.65
CA PRO A 147 -14.11 -10.42 -17.95
C PRO A 147 -15.44 -10.16 -18.67
N ALA A 148 -15.70 -10.93 -19.73
CA ALA A 148 -16.83 -10.64 -20.62
C ALA A 148 -18.17 -10.82 -19.94
N PHE A 149 -18.37 -11.94 -19.25
CA PHE A 149 -19.61 -12.16 -18.49
C PHE A 149 -19.32 -13.13 -17.35
N TYR A 150 -19.80 -12.79 -16.16
CA TYR A 150 -19.59 -13.61 -14.99
C TYR A 150 -20.49 -14.84 -15.03
N LEU A 151 -20.22 -15.80 -14.14
CA LEU A 151 -20.95 -17.06 -14.09
C LEU A 151 -21.66 -17.19 -12.74
N PRO A 152 -22.94 -16.80 -12.65
CA PRO A 152 -23.71 -17.11 -11.45
C PRO A 152 -24.33 -18.51 -11.52
N ILE A 153 -25.25 -18.81 -10.60
CA ILE A 153 -26.06 -20.00 -10.73
C ILE A 153 -27.46 -19.70 -11.26
N ILE A 154 -27.93 -18.45 -11.16
CA ILE A 154 -29.22 -18.00 -11.67
C ILE A 154 -28.99 -16.62 -12.29
N PRO A 155 -29.33 -16.41 -13.56
CA PRO A 155 -29.13 -15.09 -14.17
C PRO A 155 -30.20 -14.11 -13.74
N THR A 156 -29.78 -12.83 -13.64
CA THR A 156 -30.65 -11.78 -13.09
C THR A 156 -30.84 -10.62 -14.06
N VAL A 157 -30.80 -10.86 -15.37
CA VAL A 157 -31.08 -9.78 -16.32
C VAL A 157 -32.57 -9.49 -16.36
N LEU A 158 -33.41 -10.50 -16.11
CA LEU A 158 -34.86 -10.33 -16.13
C LEU A 158 -35.50 -10.57 -14.77
N LEU A 159 -34.71 -10.86 -13.74
CA LEU A 159 -35.24 -11.08 -12.40
C LEU A 159 -35.39 -9.79 -11.60
N ASN A 160 -34.92 -8.66 -12.10
CA ASN A 160 -34.94 -7.41 -11.35
C ASN A 160 -35.63 -6.27 -12.07
N GLY A 161 -35.60 -6.22 -13.39
CA GLY A 161 -36.21 -5.13 -14.12
C GLY A 161 -35.26 -3.98 -14.37
N VAL A 162 -35.12 -3.56 -15.62
CA VAL A 162 -34.16 -2.53 -15.99
C VAL A 162 -34.65 -1.82 -17.24
N SER A 163 -34.29 -0.56 -17.39
CA SER A 163 -34.63 0.25 -18.55
C SER A 163 -33.36 0.65 -19.26
N GLY A 164 -33.35 0.50 -20.59
CA GLY A 164 -32.15 0.84 -21.34
C GLY A 164 -32.42 1.26 -22.78
N ILE A 165 -31.86 2.40 -23.18
CA ILE A 165 -31.99 2.89 -24.55
C ILE A 165 -30.60 3.00 -25.16
N ALA A 166 -30.33 2.21 -26.19
CA ALA A 166 -29.10 2.25 -26.96
C ALA A 166 -29.39 2.81 -28.34
N THR A 167 -28.34 2.92 -29.15
CA THR A 167 -28.41 3.59 -30.44
C THR A 167 -29.29 2.81 -31.42
N GLY A 168 -30.55 3.22 -31.52
CA GLY A 168 -31.51 2.54 -32.34
C GLY A 168 -32.30 1.45 -31.65
N TYR A 169 -32.07 1.21 -30.36
CA TYR A 169 -32.72 0.10 -29.68
C TYR A 169 -33.21 0.54 -28.30
N ALA A 170 -34.24 -0.14 -27.80
CA ALA A 170 -34.79 0.17 -26.49
C ALA A 170 -35.27 -1.12 -25.84
N THR A 171 -35.20 -1.16 -24.50
CA THR A 171 -35.66 -2.31 -23.75
C THR A 171 -36.16 -1.86 -22.38
N TYR A 172 -37.24 -2.52 -21.93
CA TYR A 172 -37.79 -2.31 -20.60
C TYR A 172 -38.16 -3.68 -20.05
N ILE A 173 -37.66 -4.00 -18.85
CA ILE A 173 -37.71 -5.33 -18.30
C ILE A 173 -38.33 -5.26 -16.91
N LEU A 174 -39.37 -6.08 -16.68
CA LEU A 174 -40.13 -6.26 -15.45
C LEU A 174 -39.70 -7.53 -14.72
N PRO A 175 -39.48 -7.46 -13.41
CA PRO A 175 -39.11 -8.66 -12.66
C PRO A 175 -40.29 -9.60 -12.47
N HIS A 176 -39.96 -10.86 -12.17
CA HIS A 176 -40.95 -11.91 -11.96
C HIS A 176 -40.56 -12.67 -10.69
N SER A 177 -41.17 -13.84 -10.50
CA SER A 177 -41.01 -14.61 -9.27
C SER A 177 -39.66 -15.32 -9.23
N VAL A 178 -39.43 -16.08 -8.16
CA VAL A 178 -38.15 -16.76 -7.94
C VAL A 178 -38.35 -18.26 -7.79
N SER A 179 -39.16 -18.67 -6.81
CA SER A 179 -39.26 -20.08 -6.45
C SER A 179 -40.07 -20.87 -7.47
N SER A 180 -41.11 -20.26 -8.04
CA SER A 180 -41.86 -20.91 -9.11
C SER A 180 -41.01 -21.02 -10.36
N VAL A 181 -40.12 -20.06 -10.58
CA VAL A 181 -39.17 -20.14 -11.69
C VAL A 181 -38.14 -21.23 -11.43
N LYS A 182 -37.76 -21.42 -10.17
CA LYS A 182 -36.89 -22.53 -9.79
C LYS A 182 -37.57 -23.87 -10.04
N LYS A 183 -38.88 -23.95 -9.77
CA LYS A 183 -39.65 -25.14 -10.11
C LYS A 183 -39.72 -25.35 -11.63
N ALA A 184 -39.82 -24.25 -12.39
CA ALA A 184 -39.84 -24.34 -13.85
C ALA A 184 -38.51 -24.86 -14.40
N VAL A 185 -37.39 -24.41 -13.83
CA VAL A 185 -36.09 -24.90 -14.28
C VAL A 185 -35.87 -26.35 -13.83
N LEU A 186 -36.43 -26.71 -12.66
CA LEU A 186 -36.40 -28.10 -12.20
C LEU A 186 -37.19 -29.01 -13.14
N GLN A 187 -38.28 -28.49 -13.71
CA GLN A 187 -38.97 -29.22 -14.78
C GLN A 187 -38.16 -29.21 -16.06
N ALA A 188 -37.44 -28.12 -16.32
CA ALA A 188 -36.79 -27.94 -17.62
C ALA A 188 -35.52 -28.76 -17.76
N LEU A 189 -34.92 -29.17 -16.63
CA LEU A 189 -33.67 -29.92 -16.71
C LEU A 189 -33.85 -31.32 -17.29
N GLN A 190 -35.06 -31.88 -17.23
CA GLN A 190 -35.37 -33.11 -17.95
C GLN A 190 -36.08 -32.85 -19.27
N GLY A 191 -36.29 -31.58 -19.64
CA GLY A 191 -36.86 -31.24 -20.93
C GLY A 191 -38.38 -31.20 -20.97
N LYS A 192 -38.97 -30.35 -20.14
CA LYS A 192 -40.42 -30.15 -20.12
C LYS A 192 -40.77 -28.84 -20.82
N LYS A 193 -42.05 -28.47 -20.73
CA LYS A 193 -42.55 -27.31 -21.44
C LYS A 193 -42.24 -26.02 -20.68
N VAL A 194 -42.48 -24.89 -21.36
CA VAL A 194 -42.23 -23.59 -20.75
C VAL A 194 -43.36 -23.23 -19.81
N THR A 195 -43.01 -22.85 -18.59
CA THR A 195 -43.98 -22.42 -17.58
C THR A 195 -44.03 -20.89 -17.57
N LYS A 196 -45.23 -20.34 -17.64
CA LYS A 196 -45.39 -18.89 -17.61
C LYS A 196 -45.32 -18.41 -16.15
N PRO A 197 -44.37 -17.54 -15.81
CA PRO A 197 -44.26 -17.09 -14.41
C PRO A 197 -45.29 -16.05 -14.03
N LYS A 198 -45.22 -15.58 -12.80
CA LYS A 198 -46.04 -14.47 -12.31
C LYS A 198 -45.16 -13.23 -12.22
N VAL A 199 -45.63 -12.13 -12.80
CA VAL A 199 -44.87 -10.88 -12.80
C VAL A 199 -44.93 -10.28 -11.41
N GLU A 200 -43.87 -10.49 -10.62
CA GLU A 200 -43.82 -10.07 -9.23
C GLU A 200 -42.85 -8.90 -9.09
N PHE A 201 -43.29 -7.86 -8.40
CA PHE A 201 -42.47 -6.71 -8.07
C PHE A 201 -42.25 -6.63 -6.56
N PRO A 202 -41.10 -6.14 -6.10
CA PRO A 202 -40.88 -6.06 -4.65
C PRO A 202 -41.63 -4.88 -4.05
N GLU A 203 -42.09 -5.07 -2.81
CA GLU A 203 -42.91 -4.11 -2.05
C GLU A 203 -44.16 -3.70 -2.81
N PHE A 204 -44.79 -4.68 -3.48
CA PHE A 204 -45.97 -4.46 -4.30
C PHE A 204 -47.15 -5.18 -3.67
N ARG A 205 -48.28 -4.48 -3.53
CA ARG A 205 -49.44 -5.03 -2.87
C ARG A 205 -50.68 -5.08 -3.77
N GLY A 206 -50.58 -4.69 -5.03
CA GLY A 206 -51.73 -4.68 -5.91
C GLY A 206 -51.92 -5.97 -6.69
N GLU A 207 -51.98 -5.88 -8.01
CA GLU A 207 -52.21 -7.03 -8.87
C GLU A 207 -51.57 -6.77 -10.22
N VAL A 208 -51.16 -7.85 -10.89
CA VAL A 208 -50.65 -7.78 -12.26
C VAL A 208 -51.43 -8.79 -13.10
N VAL A 209 -52.07 -8.29 -14.15
CA VAL A 209 -52.86 -9.15 -15.04
C VAL A 209 -52.31 -9.01 -16.46
N GLU A 210 -51.91 -10.13 -17.05
CA GLU A 210 -51.34 -10.12 -18.39
C GLU A 210 -52.45 -10.23 -19.43
N ILE A 211 -52.67 -9.15 -20.18
CA ILE A 211 -53.67 -9.11 -21.25
C ILE A 211 -52.97 -8.72 -22.54
N ASP A 212 -53.23 -9.48 -23.61
CA ASP A 212 -52.70 -9.37 -24.98
C ASP A 212 -51.22 -9.03 -25.07
N GLY A 213 -50.41 -9.62 -24.22
CA GLY A 213 -48.98 -9.33 -24.19
C GLY A 213 -48.59 -8.26 -23.20
N GLN A 214 -49.42 -7.23 -23.08
CA GLN A 214 -49.17 -6.18 -22.10
C GLN A 214 -49.55 -6.67 -20.71
N TYR A 215 -49.19 -5.88 -19.70
CA TYR A 215 -49.50 -6.18 -18.31
C TYR A 215 -50.18 -4.97 -17.70
N GLU A 216 -51.39 -5.15 -17.19
CA GLU A 216 -52.07 -4.14 -16.40
C GLU A 216 -51.65 -4.32 -14.94
N ILE A 217 -50.96 -3.32 -14.41
CA ILE A 217 -50.58 -3.26 -13.01
C ILE A 217 -51.60 -2.40 -12.31
N ARG A 218 -52.23 -2.96 -11.28
CA ARG A 218 -53.42 -2.41 -10.65
C ARG A 218 -53.15 -2.19 -9.16
N GLY A 219 -53.17 -0.93 -8.73
CA GLY A 219 -53.02 -0.60 -7.33
C GLY A 219 -54.30 -0.87 -6.54
N THR A 220 -54.13 -0.99 -5.22
CA THR A 220 -55.22 -1.28 -4.32
C THR A 220 -55.84 0.02 -3.83
N TYR A 221 -57.15 0.16 -4.02
CA TYR A 221 -57.92 1.29 -3.52
C TYR A 221 -59.18 0.77 -2.85
N LYS A 222 -59.51 1.32 -1.69
CA LYS A 222 -60.61 0.83 -0.88
C LYS A 222 -61.61 1.95 -0.60
N PHE A 223 -62.89 1.63 -0.83
CA PHE A 223 -64.00 2.50 -0.49
C PHE A 223 -64.21 2.45 1.01
N THR A 224 -63.65 3.42 1.74
CA THR A 224 -63.88 3.48 3.19
C THR A 224 -65.30 3.95 3.50
N SER A 225 -65.89 4.78 2.64
CA SER A 225 -67.30 5.13 2.73
C SER A 225 -67.77 5.44 1.31
N ARG A 226 -68.88 6.18 1.20
CA ARG A 226 -69.42 6.53 -0.11
C ARG A 226 -68.54 7.55 -0.83
N THR A 227 -68.05 8.57 -0.11
CA THR A 227 -67.26 9.64 -0.72
C THR A 227 -65.87 9.73 -0.11
N GLN A 228 -65.35 8.64 0.45
CA GLN A 228 -64.00 8.61 1.00
C GLN A 228 -63.30 7.35 0.51
N MET A 229 -62.00 7.46 0.27
CA MET A 229 -61.22 6.39 -0.33
C MET A 229 -59.83 6.36 0.28
N HIS A 230 -59.27 5.16 0.42
CA HIS A 230 -57.91 4.99 0.91
C HIS A 230 -57.13 4.18 -0.11
N ILE A 231 -55.97 4.72 -0.52
CA ILE A 231 -55.12 4.10 -1.54
C ILE A 231 -53.85 3.61 -0.86
N THR A 232 -53.54 2.32 -1.05
CA THR A 232 -52.34 1.73 -0.48
C THR A 232 -51.29 1.31 -1.50
N GLU A 233 -51.63 1.28 -2.79
CA GLU A 233 -50.68 0.85 -3.81
C GLU A 233 -50.82 1.73 -5.05
N ILE A 234 -49.69 2.15 -5.58
CA ILE A 234 -49.62 2.96 -6.80
C ILE A 234 -48.63 2.29 -7.74
N PRO A 235 -48.79 2.49 -9.06
CA PRO A 235 -47.90 1.83 -10.02
C PRO A 235 -46.45 2.32 -9.95
N TYR A 236 -45.58 1.59 -10.64
CA TYR A 236 -44.14 1.76 -10.47
C TYR A 236 -43.63 3.00 -11.18
N LYS A 237 -44.40 3.52 -12.15
CA LYS A 237 -44.06 4.79 -12.75
C LYS A 237 -44.40 5.97 -11.85
N TYR A 238 -45.10 5.73 -10.75
CA TYR A 238 -45.50 6.77 -9.81
C TYR A 238 -44.76 6.55 -8.50
N ASP A 239 -43.94 7.53 -8.11
CA ASP A 239 -43.43 7.63 -6.76
C ASP A 239 -44.39 8.52 -5.96
N ARG A 240 -43.95 9.08 -4.84
CA ARG A 240 -44.76 10.07 -4.13
C ARG A 240 -45.03 11.30 -5.00
N GLU A 241 -43.95 11.89 -5.53
CA GLU A 241 -44.03 13.19 -6.18
C GLU A 241 -44.79 13.14 -7.50
N THR A 242 -44.54 12.11 -8.31
CA THR A 242 -45.21 12.04 -9.61
C THR A 242 -46.66 11.58 -9.48
N TYR A 243 -46.99 10.81 -8.45
CA TYR A 243 -48.40 10.48 -8.23
C TYR A 243 -49.16 11.67 -7.66
N VAL A 244 -48.47 12.53 -6.91
CA VAL A 244 -49.11 13.79 -6.49
C VAL A 244 -49.30 14.71 -7.69
N SER A 245 -48.25 14.91 -8.50
CA SER A 245 -48.25 15.95 -9.52
C SER A 245 -48.95 15.54 -10.80
N LYS A 246 -49.05 14.24 -11.09
CA LYS A 246 -49.66 13.77 -12.32
C LYS A 246 -51.06 13.20 -12.12
N ILE A 247 -51.44 12.88 -10.89
CA ILE A 247 -52.76 12.34 -10.61
C ILE A 247 -53.48 13.24 -9.62
N LEU A 248 -52.88 13.44 -8.44
CA LEU A 248 -53.58 14.10 -7.35
C LEU A 248 -53.74 15.60 -7.61
N ASP A 249 -52.72 16.24 -8.18
CA ASP A 249 -52.83 17.65 -8.53
C ASP A 249 -53.73 17.93 -9.74
N PRO A 250 -53.72 17.15 -10.84
CA PRO A 250 -54.76 17.41 -11.87
C PRO A 250 -56.18 17.12 -11.41
N LEU A 251 -56.37 16.13 -10.54
CA LEU A 251 -57.71 15.90 -10.00
C LEU A 251 -58.10 16.99 -9.00
N GLU A 252 -57.11 17.56 -8.31
CA GLU A 252 -57.39 18.63 -7.34
C GLU A 252 -57.72 19.94 -8.05
N ASN A 253 -56.95 20.27 -9.10
CA ASN A 253 -57.12 21.55 -9.77
C ASN A 253 -58.37 21.58 -10.65
N LYS A 254 -58.86 20.42 -11.07
CA LYS A 254 -60.07 20.36 -11.89
C LYS A 254 -61.35 20.29 -11.05
N GLY A 255 -61.24 20.39 -9.72
CA GLY A 255 -62.41 20.36 -8.87
C GLY A 255 -63.03 18.98 -8.72
N PHE A 256 -62.22 17.93 -8.79
CA PHE A 256 -62.73 16.57 -8.73
C PHE A 256 -62.65 15.98 -7.32
N ILE A 257 -61.44 15.84 -6.78
CA ILE A 257 -61.21 15.21 -5.48
C ILE A 257 -60.44 16.18 -4.59
N THR A 258 -60.36 15.83 -3.30
CA THR A 258 -59.44 16.46 -2.37
C THR A 258 -58.58 15.36 -1.76
N TRP A 259 -57.27 15.44 -1.97
CA TRP A 259 -56.35 14.38 -1.59
C TRP A 259 -55.54 14.78 -0.37
N ASP A 260 -55.15 13.79 0.42
CA ASP A 260 -54.29 13.96 1.58
C ASP A 260 -53.23 12.87 1.56
N ASP A 261 -51.97 13.26 1.75
CA ASP A 261 -50.85 12.33 1.72
C ASP A 261 -50.69 11.69 3.09
N ALA A 262 -51.06 10.42 3.20
CA ALA A 262 -50.94 9.66 4.45
C ALA A 262 -50.12 8.39 4.27
N CYS A 263 -49.01 8.50 3.53
CA CYS A 263 -48.18 7.34 3.27
C CYS A 263 -47.35 6.98 4.50
N GLY A 264 -46.76 5.78 4.46
CA GLY A 264 -45.90 5.31 5.52
C GLY A 264 -44.45 5.20 5.06
N GLU A 265 -43.62 4.65 5.95
CA GLU A 265 -42.21 4.47 5.64
C GLU A 265 -42.01 3.32 4.67
N HIS A 266 -42.77 2.24 4.84
CA HIS A 266 -42.65 1.05 4.00
C HIS A 266 -43.97 0.75 3.29
N GLY A 267 -44.58 1.78 2.72
CA GLY A 267 -45.84 1.59 2.00
C GLY A 267 -46.36 2.91 1.50
N PHE A 268 -47.55 2.85 0.90
CA PHE A 268 -48.24 4.01 0.36
C PHE A 268 -49.57 4.21 1.05
N GLY A 269 -50.06 5.44 1.01
CA GLY A 269 -51.36 5.76 1.55
C GLY A 269 -51.85 7.14 1.12
N PHE A 270 -53.05 7.19 0.57
CA PHE A 270 -53.65 8.45 0.13
C PHE A 270 -55.12 8.47 0.54
N LYS A 271 -55.53 9.52 1.24
CA LYS A 271 -56.90 9.67 1.69
C LYS A 271 -57.59 10.65 0.76
N VAL A 272 -58.58 10.16 0.01
CA VAL A 272 -59.23 10.94 -1.04
C VAL A 272 -60.68 11.16 -0.64
N LYS A 273 -61.10 12.42 -0.57
CA LYS A 273 -62.49 12.78 -0.34
C LYS A 273 -63.09 13.30 -1.63
N PHE A 274 -64.17 12.67 -2.07
CA PHE A 274 -64.82 13.05 -3.32
C PHE A 274 -65.67 14.31 -3.10
N ARG A 275 -65.46 15.32 -3.94
CA ARG A 275 -66.31 16.49 -3.90
C ARG A 275 -67.61 16.21 -4.65
N LYS A 276 -68.53 17.18 -4.59
CA LYS A 276 -69.87 16.97 -5.12
C LYS A 276 -69.91 17.02 -6.65
N GLU A 277 -68.89 17.62 -7.27
CA GLU A 277 -68.87 17.70 -8.73
C GLU A 277 -68.48 16.36 -9.35
N TYR A 278 -67.62 15.60 -8.68
CA TYR A 278 -67.21 14.28 -9.15
C TYR A 278 -68.35 13.30 -8.96
N SER A 279 -69.05 12.98 -10.04
CA SER A 279 -70.16 12.05 -9.99
C SER A 279 -69.67 10.62 -9.91
N LEU A 280 -70.28 9.83 -9.04
CA LEU A 280 -69.97 8.41 -8.89
C LEU A 280 -71.11 7.58 -9.44
N SER A 281 -70.77 6.59 -10.27
CA SER A 281 -71.79 5.75 -10.88
C SER A 281 -72.40 4.81 -9.85
N ASP A 282 -73.69 4.53 -10.00
CA ASP A 282 -74.38 3.63 -9.08
C ASP A 282 -73.95 2.18 -9.32
N ASN A 283 -73.67 1.83 -10.58
CA ASN A 283 -73.11 0.52 -10.87
C ASN A 283 -71.67 0.45 -10.38
N GLU A 284 -71.30 -0.68 -9.79
CA GLU A 284 -69.97 -0.81 -9.20
C GLU A 284 -68.90 -0.94 -10.27
N GLU A 285 -69.25 -1.57 -11.40
CA GLU A 285 -68.26 -1.78 -12.47
C GLU A 285 -67.91 -0.48 -13.18
N GLU A 286 -68.93 0.33 -13.50
CA GLU A 286 -68.69 1.59 -14.20
C GLU A 286 -68.00 2.61 -13.29
N ARG A 287 -68.41 2.67 -12.02
CA ARG A 287 -67.75 3.55 -11.06
C ARG A 287 -66.32 3.12 -10.79
N HIS A 288 -66.09 1.79 -10.72
CA HIS A 288 -64.75 1.26 -10.54
C HIS A 288 -63.85 1.58 -11.74
N ALA A 289 -64.39 1.45 -12.95
CA ALA A 289 -63.62 1.77 -14.15
C ALA A 289 -63.32 3.27 -14.24
N LYS A 290 -64.30 4.11 -13.87
CA LYS A 290 -64.10 5.55 -13.93
C LYS A 290 -63.07 6.02 -12.91
N ILE A 291 -63.14 5.49 -11.68
CA ILE A 291 -62.16 5.83 -10.65
C ILE A 291 -60.78 5.29 -11.03
N MET A 292 -60.72 4.05 -11.54
CA MET A 292 -59.45 3.40 -11.80
C MET A 292 -58.77 3.99 -13.03
N LYS A 293 -59.54 4.58 -13.94
CA LYS A 293 -58.97 5.30 -15.07
C LYS A 293 -58.57 6.72 -14.68
N ASP A 294 -59.37 7.38 -13.84
CA ASP A 294 -59.08 8.77 -13.47
C ASP A 294 -57.92 8.86 -12.49
N PHE A 295 -57.72 7.85 -11.65
CA PHE A 295 -56.63 7.88 -10.68
C PHE A 295 -55.33 7.31 -11.21
N GLY A 296 -55.33 6.77 -12.44
CA GLY A 296 -54.10 6.30 -13.05
C GLY A 296 -53.49 5.08 -12.39
N LEU A 297 -54.28 4.33 -11.63
CA LEU A 297 -53.77 3.19 -10.88
C LEU A 297 -53.61 1.94 -11.74
N ILE A 298 -54.05 1.97 -12.99
CA ILE A 298 -53.72 0.94 -13.97
C ILE A 298 -52.56 1.45 -14.80
N GLU A 299 -51.46 0.70 -14.82
CA GLU A 299 -50.33 0.97 -15.69
C GLU A 299 -50.25 -0.17 -16.70
N ARG A 300 -50.36 0.16 -17.98
CA ARG A 300 -50.34 -0.83 -19.06
C ARG A 300 -48.93 -0.89 -19.61
N ARG A 301 -48.12 -1.76 -19.03
CA ARG A 301 -46.70 -1.85 -19.35
C ARG A 301 -46.44 -2.94 -20.39
N SER A 302 -45.52 -2.66 -21.31
CA SER A 302 -45.10 -3.60 -22.33
C SER A 302 -43.63 -3.93 -22.07
N GLN A 303 -43.38 -5.11 -21.53
CA GLN A 303 -42.01 -5.51 -21.22
C GLN A 303 -41.27 -5.91 -22.49
N ASN A 304 -40.15 -5.23 -22.75
CA ASN A 304 -39.28 -5.55 -23.87
C ASN A 304 -38.18 -6.48 -23.37
N ILE A 305 -38.28 -7.76 -23.73
CA ILE A 305 -37.42 -8.79 -23.15
C ILE A 305 -36.06 -8.84 -23.85
N THR A 306 -35.94 -8.27 -25.06
CA THR A 306 -34.74 -8.43 -25.88
C THR A 306 -33.52 -7.76 -25.26
N VAL A 307 -32.40 -8.50 -25.24
CA VAL A 307 -31.17 -8.08 -24.56
C VAL A 307 -30.05 -8.96 -25.10
N ILE A 308 -28.80 -8.56 -24.88
CA ILE A 308 -27.63 -9.25 -25.43
C ILE A 308 -27.47 -10.67 -24.90
N ASN A 309 -27.24 -11.61 -25.81
CA ASN A 309 -26.55 -12.86 -25.54
C ASN A 309 -25.10 -12.81 -26.03
N GLU A 310 -24.25 -13.59 -25.34
CA GLU A 310 -22.81 -13.72 -25.51
C GLU A 310 -22.05 -12.42 -25.73
N LYS A 311 -21.42 -12.28 -26.90
CA LYS A 311 -20.47 -11.21 -27.17
C LYS A 311 -21.11 -10.09 -27.98
N GLY A 312 -22.35 -9.74 -27.64
CA GLY A 312 -23.00 -8.63 -28.30
C GLY A 312 -23.99 -9.00 -29.39
N LYS A 313 -24.95 -9.89 -29.12
CA LYS A 313 -26.01 -10.10 -30.10
C LYS A 313 -27.36 -10.01 -29.41
N LEU A 314 -28.26 -9.17 -29.93
CA LEU A 314 -29.56 -8.99 -29.28
C LEU A 314 -30.45 -10.22 -29.48
N GLN A 315 -31.23 -10.55 -28.46
CA GLN A 315 -32.05 -11.76 -28.46
C GLN A 315 -33.39 -11.45 -27.81
N VAL A 316 -34.47 -11.93 -28.44
CA VAL A 316 -35.83 -11.75 -27.95
C VAL A 316 -36.25 -13.02 -27.23
N TYR A 317 -36.76 -12.87 -26.00
CA TYR A 317 -37.31 -13.98 -25.24
C TYR A 317 -38.70 -13.62 -24.75
N ASP A 318 -39.25 -14.43 -23.84
CA ASP A 318 -40.58 -14.17 -23.30
C ASP A 318 -40.55 -13.78 -21.82
N ASN A 319 -39.87 -14.57 -20.99
CA ASN A 319 -39.85 -14.34 -19.55
C ASN A 319 -38.50 -14.83 -19.02
N VAL A 320 -38.42 -15.01 -17.70
CA VAL A 320 -37.21 -15.51 -17.05
C VAL A 320 -36.95 -16.98 -17.31
N VAL A 321 -37.99 -17.74 -17.69
CA VAL A 321 -37.88 -19.20 -17.70
C VAL A 321 -36.97 -19.66 -18.84
N ASP A 322 -37.19 -19.15 -20.05
CA ASP A 322 -36.33 -19.50 -21.18
C ASP A 322 -34.91 -18.97 -21.00
N LEU A 323 -34.79 -17.83 -20.31
CA LEU A 323 -33.49 -17.27 -19.92
C LEU A 323 -32.70 -18.26 -19.07
N ILE A 324 -33.31 -18.79 -18.00
CA ILE A 324 -32.56 -19.70 -17.15
C ILE A 324 -32.45 -21.08 -17.79
N LYS A 325 -33.34 -21.42 -18.73
CA LYS A 325 -33.17 -22.65 -19.52
C LYS A 325 -31.89 -22.60 -20.35
N ASP A 326 -31.71 -21.53 -21.13
CA ASP A 326 -30.49 -21.41 -21.92
C ASP A 326 -29.27 -21.13 -21.05
N PHE A 327 -29.47 -20.54 -19.87
CA PHE A 327 -28.39 -20.37 -18.91
C PHE A 327 -27.89 -21.72 -18.41
N VAL A 328 -28.82 -22.63 -18.10
CA VAL A 328 -28.46 -24.00 -17.71
C VAL A 328 -27.78 -24.73 -18.86
N GLU A 329 -28.27 -24.53 -20.09
CA GLU A 329 -27.68 -25.21 -21.25
C GLU A 329 -26.26 -24.72 -21.53
N VAL A 330 -25.98 -23.44 -21.26
CA VAL A 330 -24.61 -22.94 -21.36
C VAL A 330 -23.77 -23.45 -20.18
N ARG A 331 -24.37 -23.48 -18.99
CA ARG A 331 -23.68 -23.82 -17.75
C ARG A 331 -23.25 -25.29 -17.71
N LYS A 332 -23.97 -26.15 -18.46
CA LYS A 332 -23.64 -27.58 -18.48
C LYS A 332 -22.26 -27.84 -19.07
N THR A 333 -21.86 -27.03 -20.06
CA THR A 333 -20.51 -27.15 -20.61
C THR A 333 -19.45 -26.78 -19.58
N TYR A 334 -19.71 -25.75 -18.78
CA TYR A 334 -18.76 -25.35 -17.73
C TYR A 334 -18.65 -26.43 -16.65
N VAL A 335 -19.77 -27.06 -16.29
CA VAL A 335 -19.71 -28.11 -15.27
C VAL A 335 -19.04 -29.36 -15.84
N GLN A 336 -19.22 -29.63 -17.14
CA GLN A 336 -18.50 -30.74 -17.76
C GLN A 336 -16.99 -30.47 -17.81
N LYS A 337 -16.61 -29.22 -18.07
CA LYS A 337 -15.19 -28.85 -18.05
C LYS A 337 -14.61 -28.96 -16.64
N ARG A 338 -15.38 -28.55 -15.62
CA ARG A 338 -14.87 -28.67 -14.25
C ARG A 338 -14.82 -30.13 -13.80
N ILE A 339 -15.70 -30.98 -14.35
CA ILE A 339 -15.64 -32.41 -14.07
C ILE A 339 -14.38 -33.01 -14.69
N ASP A 340 -14.06 -32.64 -15.94
CA ASP A 340 -12.85 -33.13 -16.59
C ASP A 340 -11.58 -32.63 -15.88
N ASN A 341 -11.58 -31.36 -15.46
CA ASN A 341 -10.43 -30.83 -14.75
C ASN A 341 -10.27 -31.46 -13.37
N LYS A 342 -11.39 -31.79 -12.72
CA LYS A 342 -11.34 -32.50 -11.44
C LYS A 342 -10.79 -33.92 -11.64
N ILE A 343 -11.16 -34.57 -12.75
CA ILE A 343 -10.62 -35.89 -13.09
C ILE A 343 -9.11 -35.80 -13.29
N LYS A 344 -8.66 -34.77 -14.02
CA LYS A 344 -7.23 -34.60 -14.29
C LYS A 344 -6.45 -34.33 -13.00
N GLU A 345 -6.97 -33.45 -12.14
CA GLU A 345 -6.22 -33.12 -10.92
C GLU A 345 -6.26 -34.25 -9.91
N THR A 346 -7.35 -35.02 -9.86
CA THR A 346 -7.41 -36.15 -8.94
C THR A 346 -6.51 -37.29 -9.40
N GLU A 347 -6.44 -37.54 -10.72
CA GLU A 347 -5.53 -38.54 -11.24
C GLU A 347 -4.07 -38.12 -11.05
N SER A 348 -3.80 -36.82 -11.22
CA SER A 348 -2.46 -36.29 -10.98
C SER A 348 -2.06 -36.42 -9.52
N ALA A 349 -2.94 -36.01 -8.60
CA ALA A 349 -2.63 -36.11 -7.19
C ALA A 349 -2.55 -37.56 -6.73
N PHE A 350 -3.31 -38.45 -7.39
CA PHE A 350 -3.18 -39.89 -7.14
C PHE A 350 -1.79 -40.39 -7.51
N ARG A 351 -1.31 -40.05 -8.72
CA ARG A 351 -0.02 -40.59 -9.13
C ARG A 351 1.13 -39.94 -8.39
N LEU A 352 1.00 -38.65 -8.01
CA LEU A 352 2.00 -38.00 -7.17
C LEU A 352 2.07 -38.62 -5.78
N ALA A 353 0.92 -38.86 -5.14
CA ALA A 353 0.92 -39.44 -3.80
C ALA A 353 1.27 -40.93 -3.83
N PHE A 354 0.95 -41.63 -4.91
CA PHE A 354 1.38 -43.01 -5.07
C PHE A 354 2.90 -43.08 -5.25
N ALA A 355 3.46 -42.10 -5.96
CA ALA A 355 4.92 -42.03 -6.09
C ALA A 355 5.56 -41.69 -4.75
N LYS A 356 4.88 -40.86 -3.93
CA LYS A 356 5.32 -40.60 -2.54
C LYS A 356 5.44 -41.90 -1.77
N ALA A 357 4.32 -42.64 -1.66
CA ALA A 357 4.29 -43.85 -0.85
C ALA A 357 5.20 -44.93 -1.41
N HIS A 358 5.30 -45.03 -2.73
CA HIS A 358 6.12 -46.07 -3.35
C HIS A 358 7.61 -45.79 -3.20
N PHE A 359 8.03 -44.53 -3.36
CA PHE A 359 9.44 -44.19 -3.18
C PHE A 359 9.83 -44.29 -1.72
N ILE A 360 8.92 -43.92 -0.81
CA ILE A 360 9.19 -44.10 0.62
C ILE A 360 9.34 -45.58 0.95
N LYS A 361 8.46 -46.43 0.41
CA LYS A 361 8.57 -47.87 0.69
C LYS A 361 9.84 -48.46 0.10
N LYS A 362 10.27 -47.94 -1.07
CA LYS A 362 11.51 -48.38 -1.69
C LYS A 362 12.72 -48.01 -0.84
N VAL A 363 12.68 -46.85 -0.16
CA VAL A 363 13.82 -46.51 0.69
C VAL A 363 13.65 -47.02 2.13
N ILE A 364 12.46 -47.46 2.51
CA ILE A 364 12.32 -48.24 3.75
C ILE A 364 12.98 -49.60 3.57
N SER A 365 12.65 -50.28 2.48
CA SER A 365 13.28 -51.56 2.18
C SER A 365 14.70 -51.41 1.64
N GLY A 366 15.14 -50.18 1.33
CA GLY A 366 16.49 -49.95 0.90
C GLY A 366 16.81 -50.39 -0.52
N GLU A 367 15.79 -50.54 -1.37
CA GLU A 367 16.05 -50.96 -2.74
C GLU A 367 16.61 -49.84 -3.60
N ILE A 368 16.46 -48.59 -3.20
CA ILE A 368 17.09 -47.45 -3.85
C ILE A 368 18.05 -46.83 -2.86
N VAL A 369 19.34 -46.90 -3.19
CA VAL A 369 20.40 -46.38 -2.32
C VAL A 369 20.60 -44.91 -2.64
N VAL A 370 20.58 -44.07 -1.60
CA VAL A 370 20.76 -42.64 -1.75
C VAL A 370 22.06 -42.17 -1.10
N GLN A 371 22.46 -42.82 -0.01
CA GLN A 371 23.66 -42.42 0.72
C GLN A 371 24.93 -42.80 -0.04
N GLY A 372 26.02 -42.13 0.31
CA GLY A 372 27.30 -42.36 -0.33
C GLY A 372 27.39 -41.83 -1.73
N LYS A 373 26.51 -40.89 -2.10
CA LYS A 373 26.31 -40.52 -3.48
C LYS A 373 26.26 -39.00 -3.61
N THR A 374 26.07 -38.52 -4.85
CA THR A 374 26.03 -37.11 -5.16
C THR A 374 24.69 -36.74 -5.80
N ARG A 375 24.59 -35.50 -6.29
CA ARG A 375 23.35 -35.00 -6.86
C ARG A 375 23.04 -35.64 -8.20
N LYS A 376 23.93 -35.46 -9.17
CA LYS A 376 23.63 -35.83 -10.56
C LYS A 376 23.55 -37.34 -10.75
N GLU A 377 24.33 -38.09 -9.97
CA GLU A 377 24.24 -39.54 -10.01
C GLU A 377 22.89 -40.02 -9.47
N LEU A 378 22.38 -39.37 -8.43
CA LEU A 378 21.05 -39.74 -7.92
C LEU A 378 19.94 -39.34 -8.89
N THR A 379 20.10 -38.21 -9.59
CA THR A 379 19.10 -37.84 -10.59
C THR A 379 19.11 -38.82 -11.77
N GLU A 380 20.30 -39.25 -12.20
CA GLU A 380 20.37 -40.25 -13.27
C GLU A 380 19.94 -41.63 -12.78
N GLU A 381 20.06 -41.90 -11.48
CA GLU A 381 19.57 -43.16 -10.92
C GLU A 381 18.05 -43.18 -10.88
N LEU A 382 17.43 -42.07 -10.48
CA LEU A 382 15.98 -42.00 -10.47
C LEU A 382 15.39 -41.71 -11.85
N SER A 383 16.22 -41.39 -12.83
CA SER A 383 15.77 -41.23 -14.21
C SER A 383 15.41 -42.54 -14.89
N LYS A 384 15.87 -43.68 -14.36
CA LYS A 384 15.57 -44.96 -14.99
C LYS A 384 14.15 -45.45 -14.71
N ILE A 385 13.46 -44.85 -13.75
CA ILE A 385 12.07 -45.18 -13.45
C ILE A 385 11.24 -43.94 -13.77
N ASP A 386 10.25 -44.10 -14.66
CA ASP A 386 9.64 -42.98 -15.36
C ASP A 386 8.81 -42.11 -14.41
N MET A 387 8.11 -42.73 -13.47
CA MET A 387 7.35 -41.99 -12.48
C MET A 387 8.27 -41.20 -11.55
N TYR A 388 9.34 -41.86 -11.08
CA TYR A 388 10.34 -41.17 -10.27
C TYR A 388 11.09 -40.12 -11.09
N SER A 389 11.33 -40.41 -12.37
CA SER A 389 12.00 -39.44 -13.24
C SER A 389 11.17 -38.18 -13.44
N SER A 390 9.85 -38.34 -13.57
CA SER A 390 8.98 -37.18 -13.68
C SER A 390 8.87 -36.42 -12.37
N TYR A 391 8.85 -37.12 -11.23
CA TYR A 391 8.55 -36.48 -9.95
C TYR A 391 9.72 -36.50 -8.97
N VAL A 392 10.96 -36.40 -9.51
CA VAL A 392 12.15 -36.10 -8.69
C VAL A 392 11.91 -34.90 -7.79
N ASP A 393 11.41 -33.79 -8.36
CA ASP A 393 11.49 -32.48 -7.71
C ASP A 393 10.65 -32.41 -6.44
N LYS A 394 9.63 -33.25 -6.33
CA LYS A 394 8.97 -33.44 -5.05
C LYS A 394 9.55 -34.63 -4.28
N LEU A 395 10.04 -35.66 -4.97
CA LEU A 395 10.58 -36.81 -4.24
C LEU A 395 11.94 -36.51 -3.64
N VAL A 396 12.68 -35.56 -4.23
CA VAL A 396 13.90 -35.11 -3.58
C VAL A 396 13.53 -34.07 -2.52
N GLY A 397 12.33 -33.50 -2.63
CA GLY A 397 11.80 -32.56 -1.66
C GLY A 397 11.29 -33.19 -0.38
N MET A 398 11.30 -34.52 -0.32
CA MET A 398 10.84 -35.25 0.86
C MET A 398 11.79 -35.02 2.03
N ASN A 399 11.22 -34.90 3.22
CA ASN A 399 11.99 -34.64 4.42
C ASN A 399 12.27 -35.93 5.17
N ILE A 400 12.85 -35.80 6.36
CA ILE A 400 13.03 -36.93 7.26
C ILE A 400 11.71 -37.25 7.95
N PHE A 401 10.76 -36.29 7.91
CA PHE A 401 9.34 -36.61 8.11
C PHE A 401 8.88 -37.73 7.19
N HIS A 402 9.34 -37.72 5.94
CA HIS A 402 8.84 -38.66 4.95
C HIS A 402 9.61 -39.98 5.00
N MET A 403 10.67 -40.04 5.80
CA MET A 403 11.51 -41.23 5.85
C MET A 403 11.01 -42.17 6.95
N THR A 404 9.70 -42.45 6.93
CA THR A 404 9.05 -43.28 7.94
C THR A 404 7.98 -44.13 7.27
N SER A 405 7.53 -45.17 8.01
CA SER A 405 6.58 -46.12 7.45
C SER A 405 5.15 -45.64 7.61
N ASP A 406 4.85 -44.95 8.73
CA ASP A 406 3.48 -44.49 8.95
C ASP A 406 3.13 -43.35 7.99
N GLU A 407 4.12 -42.52 7.63
CA GLU A 407 3.88 -41.53 6.59
C GLU A 407 3.75 -42.17 5.22
N ALA A 408 4.40 -43.32 5.00
CA ALA A 408 4.15 -44.09 3.78
C ALA A 408 2.71 -44.57 3.72
N LYS A 409 2.18 -45.05 4.85
CA LYS A 409 0.77 -45.45 4.91
C LYS A 409 -0.16 -44.26 4.75
N LYS A 410 0.20 -43.10 5.30
CA LYS A 410 -0.61 -41.90 5.15
C LYS A 410 -0.64 -41.41 3.69
N LEU A 411 0.50 -41.44 3.01
CA LEU A 411 0.52 -40.99 1.63
C LEU A 411 -0.08 -42.02 0.68
N ALA A 412 -0.03 -43.31 1.03
CA ALA A 412 -0.79 -44.31 0.30
C ALA A 412 -2.29 -44.11 0.51
N GLU A 413 -2.69 -43.71 1.72
CA GLU A 413 -4.09 -43.37 1.99
C GLU A 413 -4.51 -42.14 1.19
N GLU A 414 -3.62 -41.16 1.05
CA GLU A 414 -3.91 -39.98 0.24
C GLU A 414 -4.02 -40.34 -1.24
N ALA A 415 -3.17 -41.26 -1.72
CA ALA A 415 -3.28 -41.73 -3.09
C ALA A 415 -4.58 -42.50 -3.31
N LYS A 416 -4.99 -43.29 -2.33
CA LYS A 416 -6.26 -44.01 -2.42
C LYS A 416 -7.45 -43.06 -2.39
N ALA A 417 -7.36 -41.99 -1.59
CA ALA A 417 -8.42 -40.98 -1.54
C ALA A 417 -8.51 -40.20 -2.85
N LYS A 418 -7.36 -39.89 -3.44
CA LYS A 418 -7.38 -39.20 -4.73
C LYS A 418 -7.85 -40.12 -5.85
N LYS A 419 -7.59 -41.42 -5.73
CA LYS A 419 -8.10 -42.38 -6.71
C LYS A 419 -9.62 -42.52 -6.59
N GLU A 420 -10.14 -42.64 -5.37
CA GLU A 420 -11.58 -42.77 -5.22
C GLU A 420 -12.30 -41.47 -5.58
N GLU A 421 -11.64 -40.33 -5.37
CA GLU A 421 -12.17 -39.08 -5.90
C GLU A 421 -12.07 -39.01 -7.42
N ASN A 422 -11.07 -39.69 -8.00
CA ASN A 422 -10.94 -39.71 -9.46
C ASN A 422 -12.07 -40.50 -10.11
N GLU A 423 -12.38 -41.69 -9.58
CA GLU A 423 -13.55 -42.39 -10.10
C GLU A 423 -14.85 -41.74 -9.65
N TYR A 424 -14.85 -40.96 -8.57
CA TYR A 424 -16.03 -40.21 -8.18
C TYR A 424 -16.32 -39.09 -9.19
N TRP A 425 -15.29 -38.40 -9.65
CA TRP A 425 -15.48 -37.37 -10.67
C TRP A 425 -15.65 -37.97 -12.06
N LYS A 426 -15.18 -39.20 -12.27
CA LYS A 426 -15.44 -39.87 -13.55
C LYS A 426 -16.88 -40.38 -13.62
N THR A 427 -17.45 -40.82 -12.50
CA THR A 427 -18.79 -41.37 -12.50
C THR A 427 -19.87 -40.33 -12.22
N THR A 428 -19.50 -39.10 -11.86
CA THR A 428 -20.50 -38.08 -11.61
C THR A 428 -21.02 -37.50 -12.93
N ASP A 429 -22.09 -36.72 -12.81
CA ASP A 429 -22.73 -36.11 -13.96
C ASP A 429 -22.96 -34.63 -13.67
N VAL A 430 -23.30 -33.89 -14.73
CA VAL A 430 -23.53 -32.46 -14.61
C VAL A 430 -24.83 -32.18 -13.87
N VAL A 431 -25.88 -32.93 -14.17
CA VAL A 431 -27.23 -32.62 -13.69
C VAL A 431 -27.36 -32.89 -12.19
N THR A 432 -26.80 -34.02 -11.72
CA THR A 432 -26.81 -34.31 -10.29
C THR A 432 -25.96 -33.31 -9.51
N GLU A 433 -24.88 -32.83 -10.13
CA GLU A 433 -24.07 -31.78 -9.52
C GLU A 433 -24.84 -30.48 -9.41
N TYR A 434 -25.66 -30.17 -10.43
CA TYR A 434 -26.46 -28.95 -10.39
C TYR A 434 -27.55 -29.03 -9.35
N THR A 435 -28.14 -30.23 -9.17
CA THR A 435 -29.14 -30.38 -8.12
C THR A 435 -28.51 -30.28 -6.73
N LYS A 436 -27.29 -30.81 -6.58
CA LYS A 436 -26.55 -30.62 -5.34
C LYS A 436 -26.22 -29.16 -5.11
N ASP A 437 -25.84 -28.43 -6.16
CA ASP A 437 -25.51 -27.02 -6.04
C ASP A 437 -26.74 -26.17 -5.72
N LEU A 438 -27.92 -26.60 -6.17
CA LEU A 438 -29.14 -25.97 -5.71
C LEU A 438 -29.49 -26.42 -4.29
N GLU A 439 -28.90 -27.53 -3.82
CA GLU A 439 -29.33 -28.06 -2.52
C GLU A 439 -28.73 -27.26 -1.35
N GLU A 440 -27.48 -26.78 -1.44
CA GLU A 440 -26.98 -25.99 -0.32
C GLU A 440 -27.43 -24.52 -0.35
N ILE A 441 -28.36 -24.13 -1.21
CA ILE A 441 -28.86 -22.76 -1.19
C ILE A 441 -29.74 -22.59 0.04
N LYS A 442 -29.18 -21.94 1.07
CA LYS A 442 -29.83 -21.83 2.38
C LYS A 442 -30.60 -20.52 2.43
N TYR B 22 12.46 21.22 29.00
CA TYR B 22 12.36 20.19 27.99
C TYR B 22 13.12 20.60 26.73
N THR B 23 13.16 21.91 26.46
CA THR B 23 13.82 22.41 25.26
C THR B 23 15.34 22.37 25.36
N VAL B 24 15.88 22.18 26.58
CA VAL B 24 17.33 22.15 26.75
C VAL B 24 17.90 20.81 26.32
N GLU B 25 17.08 19.77 26.18
CA GLU B 25 17.57 18.42 25.90
C GLU B 25 16.98 17.78 24.66
N ASN B 26 15.82 18.21 24.18
CA ASN B 26 15.12 17.48 23.11
C ASN B 26 14.60 18.37 21.98
N ARG B 27 14.94 19.66 21.97
CA ARG B 27 14.39 20.52 20.93
C ARG B 27 15.44 21.35 20.20
N ALA B 28 16.41 21.89 20.92
CA ALA B 28 17.21 22.99 20.40
C ALA B 28 18.66 22.62 20.12
N ILE B 29 19.32 21.92 21.04
CA ILE B 29 20.78 21.79 21.02
C ILE B 29 21.13 20.34 20.70
N PRO B 30 22.04 20.09 19.73
CA PRO B 30 22.36 18.71 19.33
C PRO B 30 23.22 17.91 20.30
N ASN B 31 23.75 16.77 19.84
CA ASN B 31 24.48 15.79 20.64
C ASN B 31 25.86 15.57 20.03
N MET B 32 26.75 14.90 20.79
CA MET B 32 28.07 14.53 20.29
C MET B 32 27.97 13.55 19.13
N ILE B 33 27.35 12.39 19.37
CA ILE B 33 27.67 11.17 18.63
C ILE B 33 27.06 11.23 17.22
N ASP B 34 25.73 11.33 17.14
CA ASP B 34 25.09 11.51 15.84
C ASP B 34 25.40 12.87 15.25
N GLY B 35 25.55 13.89 16.10
CA GLY B 35 25.83 15.21 15.60
C GLY B 35 24.63 15.99 15.15
N PHE B 36 23.44 15.63 15.66
CA PHE B 36 22.19 16.21 15.21
C PHE B 36 21.22 16.34 16.38
N LYS B 37 20.29 17.28 16.26
CA LYS B 37 19.24 17.45 17.24
C LYS B 37 18.22 16.31 17.11
N PRO B 38 17.36 16.10 18.13
CA PRO B 38 16.28 15.11 17.98
C PRO B 38 15.32 15.40 16.82
N VAL B 39 15.05 16.67 16.52
CA VAL B 39 14.29 17.01 15.31
C VAL B 39 15.07 16.63 14.05
N GLN B 40 16.39 16.80 14.09
CA GLN B 40 17.22 16.44 12.94
C GLN B 40 17.36 14.93 12.84
N ARG B 41 17.34 14.23 13.98
CA ARG B 41 17.26 12.78 13.97
C ARG B 41 15.93 12.30 13.38
N PHE B 42 14.84 13.02 13.69
CA PHE B 42 13.54 12.71 13.09
C PHE B 42 13.55 12.89 11.58
N VAL B 43 14.16 13.97 11.08
CA VAL B 43 14.11 14.22 9.64
C VAL B 43 15.01 13.23 8.88
N ILE B 44 16.16 12.85 9.47
CA ILE B 44 16.98 11.87 8.77
C ILE B 44 16.37 10.47 8.87
N ALA B 45 15.65 10.17 9.96
CA ALA B 45 15.00 8.88 10.09
C ALA B 45 13.79 8.78 9.18
N ARG B 46 13.09 9.89 8.95
CA ARG B 46 11.96 9.87 8.02
C ARG B 46 12.45 9.79 6.59
N ALA B 47 13.59 10.42 6.29
CA ALA B 47 14.21 10.25 4.97
C ALA B 47 14.64 8.81 4.74
N LEU B 48 15.21 8.16 5.77
CA LEU B 48 15.60 6.76 5.65
C LEU B 48 14.39 5.84 5.54
N ASP B 49 13.33 6.14 6.28
CA ASP B 49 12.12 5.32 6.26
C ASP B 49 11.41 5.42 4.92
N LEU B 50 11.41 6.61 4.32
CA LEU B 50 10.88 6.74 2.96
C LEU B 50 11.79 6.08 1.95
N ALA B 51 13.11 6.14 2.16
CA ALA B 51 14.06 5.50 1.26
C ALA B 51 14.27 4.02 1.55
N ARG B 52 13.46 3.42 2.44
CA ARG B 52 13.54 1.98 2.67
C ARG B 52 13.12 1.20 1.43
N GLY B 53 12.21 1.75 0.63
CA GLY B 53 11.83 1.08 -0.62
C GLY B 53 12.92 1.12 -1.66
N ASN B 54 13.54 2.29 -1.85
CA ASN B 54 14.63 2.46 -2.80
C ASN B 54 15.47 3.65 -2.37
N LYS B 55 16.79 3.55 -2.54
CA LYS B 55 17.68 4.62 -2.10
C LYS B 55 17.62 5.81 -3.06
N ASP B 56 17.71 5.56 -4.36
CA ASP B 56 18.01 6.60 -5.34
C ASP B 56 16.82 7.48 -5.67
N LYS B 57 15.62 7.20 -5.15
CA LYS B 57 14.46 8.04 -5.39
C LYS B 57 14.37 9.12 -4.33
N PHE B 58 13.85 10.28 -4.72
CA PHE B 58 13.70 11.42 -3.81
C PHE B 58 12.30 11.43 -3.21
N HIS B 59 12.16 12.18 -2.12
CA HIS B 59 10.90 12.23 -1.39
C HIS B 59 10.58 13.67 -1.02
N LYS B 60 9.32 14.04 -1.20
CA LYS B 60 8.86 15.40 -0.94
C LYS B 60 8.97 15.72 0.55
N LEU B 61 9.55 16.89 0.85
CA LEU B 61 9.87 17.23 2.23
C LEU B 61 8.63 17.64 3.02
N ALA B 62 7.52 17.94 2.34
CA ALA B 62 6.24 18.06 3.03
C ALA B 62 5.80 16.72 3.61
N SER B 63 6.00 15.64 2.86
CA SER B 63 5.72 14.30 3.38
C SER B 63 6.67 13.94 4.52
N ILE B 64 7.90 14.45 4.45
CA ILE B 64 8.86 14.22 5.53
C ILE B 64 8.45 14.97 6.79
N ALA B 65 7.98 16.22 6.63
CA ALA B 65 7.48 16.98 7.77
C ALA B 65 6.18 16.42 8.31
N GLY B 66 5.42 15.71 7.48
CA GLY B 66 4.29 14.96 8.00
C GLY B 66 4.70 13.70 8.74
N GLY B 67 5.73 13.01 8.26
CA GLY B 67 6.13 11.74 8.85
C GLY B 67 7.05 11.84 10.04
N VAL B 68 7.64 13.01 10.30
CA VAL B 68 8.38 13.17 11.54
C VAL B 68 7.43 13.18 12.73
N ALA B 69 6.19 13.65 12.54
CA ALA B 69 5.18 13.54 13.58
C ALA B 69 4.74 12.09 13.76
N ASP B 70 4.82 11.29 12.69
CA ASP B 70 4.62 9.86 12.82
C ASP B 70 5.76 9.22 13.61
N LEU B 71 6.99 9.73 13.43
CA LEU B 71 8.11 9.26 14.24
C LEU B 71 8.09 9.85 15.64
N GLY B 72 7.42 10.99 15.86
CA GLY B 72 7.29 11.53 17.19
C GLY B 72 7.64 13.00 17.35
N TYR B 73 7.76 13.73 16.24
CA TYR B 73 8.02 15.16 16.32
C TYR B 73 6.75 15.90 16.68
N HIS B 74 6.84 16.79 17.68
CA HIS B 74 5.67 17.43 18.26
C HIS B 74 5.95 18.92 18.50
N HIS B 75 6.55 19.58 17.52
CA HIS B 75 6.78 21.03 17.59
C HIS B 75 6.40 21.69 16.27
N GLY B 76 5.34 21.21 15.63
CA GLY B 76 4.86 21.81 14.41
C GLY B 76 5.62 21.36 13.17
N GLU B 77 4.89 20.98 12.12
CA GLU B 77 5.53 20.49 10.90
C GLU B 77 6.21 21.59 10.12
N ASN B 78 5.82 22.86 10.32
CA ASN B 78 6.50 23.95 9.63
C ASN B 78 7.91 24.17 10.17
N SER B 79 8.11 23.90 11.46
CA SER B 79 9.45 23.88 12.02
C SER B 79 10.27 22.74 11.41
N ALA B 80 9.63 21.62 11.10
CA ALA B 80 10.30 20.54 10.38
C ALA B 80 10.63 20.94 8.96
N GLN B 81 9.79 21.78 8.33
CA GLN B 81 10.13 22.33 7.01
C GLN B 81 11.35 23.25 7.09
N ASP B 82 11.42 24.07 8.14
CA ASP B 82 12.58 24.93 8.34
C ASP B 82 13.84 24.11 8.60
N ALA B 83 13.73 23.01 9.34
CA ALA B 83 14.89 22.14 9.55
C ALA B 83 15.28 21.43 8.26
N GLY B 84 14.31 21.04 7.44
CA GLY B 84 14.62 20.45 6.15
C GLY B 84 15.34 21.42 5.23
N ALA B 85 14.98 22.70 5.32
CA ALA B 85 15.77 23.73 4.64
C ALA B 85 17.14 23.90 5.29
N LEU B 86 17.26 23.60 6.60
CA LEU B 86 18.51 23.87 7.31
C LEU B 86 19.57 22.81 7.02
N MET B 87 19.16 21.54 6.88
CA MET B 87 20.11 20.53 6.39
C MET B 87 20.12 20.35 4.87
N ALA B 88 19.08 20.77 4.16
CA ALA B 88 19.01 20.41 2.75
C ALA B 88 19.88 21.32 1.90
N ASN B 89 20.25 22.48 2.44
CA ASN B 89 21.14 23.40 1.76
C ASN B 89 22.61 22.96 1.89
N THR B 90 23.45 23.49 1.02
CA THR B 90 24.86 23.17 1.00
C THR B 90 25.77 24.35 1.34
N TRP B 91 25.22 25.56 1.41
CA TRP B 91 26.04 26.73 1.73
C TRP B 91 26.35 26.86 3.20
N ASN B 92 25.68 26.09 4.06
CA ASN B 92 25.98 26.03 5.48
C ASN B 92 26.46 24.63 5.88
N ASN B 93 27.09 23.91 4.96
CA ASN B 93 27.44 22.50 5.18
C ASN B 93 28.67 22.17 4.35
N ASN B 94 29.82 22.03 5.02
CA ASN B 94 31.02 21.52 4.34
C ASN B 94 30.90 20.06 3.97
N PHE B 95 30.17 19.28 4.76
CA PHE B 95 30.11 17.82 4.62
C PHE B 95 28.64 17.44 4.51
N PRO B 96 28.05 17.58 3.31
CA PRO B 96 26.60 17.40 3.17
C PRO B 96 26.18 15.94 3.30
N LEU B 97 24.96 15.74 3.80
CA LEU B 97 24.47 14.41 4.13
C LEU B 97 23.11 14.08 3.53
N LEU B 98 22.41 15.03 2.93
CA LEU B 98 21.09 14.79 2.36
C LEU B 98 21.04 15.36 0.96
N ASP B 99 20.72 14.52 -0.02
CA ASP B 99 20.61 14.98 -1.40
C ASP B 99 19.28 15.69 -1.60
N GLY B 100 19.32 16.83 -2.28
CA GLY B 100 18.14 17.64 -2.50
C GLY B 100 17.86 17.84 -3.98
N GLN B 101 16.57 17.85 -4.32
CA GLN B 101 16.12 18.12 -5.68
C GLN B 101 15.11 19.26 -5.64
N GLY B 102 15.41 20.33 -6.36
CA GLY B 102 14.56 21.51 -6.35
C GLY B 102 15.33 22.78 -6.09
N ASN B 103 14.64 23.81 -5.61
CA ASN B 103 15.25 25.11 -5.32
C ASN B 103 15.49 25.20 -3.82
N PHE B 104 16.75 25.28 -3.42
CA PHE B 104 17.12 25.37 -2.02
C PHE B 104 17.90 26.62 -1.68
N GLY B 105 18.55 27.24 -2.66
CA GLY B 105 19.32 28.44 -2.43
C GLY B 105 20.82 28.19 -2.45
N SER B 106 21.54 29.20 -1.97
CA SER B 106 22.99 29.22 -1.97
C SER B 106 23.44 30.21 -0.90
N ARG B 107 24.68 30.70 -1.00
CA ARG B 107 25.14 31.76 -0.10
C ARG B 107 24.40 33.07 -0.32
N THR B 108 23.75 33.25 -1.48
CA THR B 108 23.04 34.48 -1.78
C THR B 108 21.77 34.62 -0.92
N VAL B 109 20.84 33.68 -1.07
CA VAL B 109 19.57 33.72 -0.36
C VAL B 109 19.55 32.61 0.68
N GLN B 110 19.08 32.93 1.88
CA GLN B 110 19.12 32.00 3.01
C GLN B 110 17.80 31.26 3.22
N LYS B 111 16.87 31.37 2.29
CA LYS B 111 15.55 30.74 2.41
C LYS B 111 15.33 29.81 1.23
N ALA B 112 14.86 28.60 1.52
CA ALA B 112 14.53 27.63 0.49
C ALA B 112 13.08 27.83 0.04
N ALA B 113 12.61 26.94 -0.83
CA ALA B 113 11.25 27.01 -1.35
C ALA B 113 10.29 26.30 -0.38
N ALA B 114 9.06 26.08 -0.83
CA ALA B 114 8.09 25.36 -0.02
C ALA B 114 8.44 23.88 0.03
N SER B 115 7.96 23.21 1.09
CA SER B 115 8.29 21.80 1.28
C SER B 115 7.59 20.90 0.28
N ARG B 116 6.48 21.38 -0.27
CA ARG B 116 5.77 20.59 -1.31
C ARG B 116 6.63 20.59 -2.58
N TYR B 117 7.28 21.71 -2.88
CA TYR B 117 8.05 21.82 -4.16
C TYR B 117 9.38 21.09 -4.07
N ILE B 118 10.03 21.09 -2.90
CA ILE B 118 11.37 20.53 -2.80
C ILE B 118 11.30 19.06 -2.41
N PHE B 119 12.32 18.30 -2.80
CA PHE B 119 12.42 16.88 -2.49
C PHE B 119 13.76 16.58 -1.84
N ALA B 120 13.77 15.60 -0.94
CA ALA B 120 14.97 15.23 -0.21
C ALA B 120 15.11 13.72 -0.17
N ARG B 121 16.36 13.26 -0.10
CA ARG B 121 16.66 11.83 0.01
C ARG B 121 17.97 11.66 0.76
N VAL B 122 18.19 10.44 1.24
CA VAL B 122 19.44 10.09 1.91
C VAL B 122 20.56 10.05 0.87
N SER B 123 21.68 10.71 1.18
CA SER B 123 22.77 10.85 0.24
C SER B 123 23.74 9.67 0.31
N LYS B 124 24.61 9.60 -0.69
CA LYS B 124 25.69 8.59 -0.68
C LYS B 124 26.71 8.90 0.41
N ASN B 125 26.90 10.18 0.73
CA ASN B 125 27.83 10.56 1.79
C ASN B 125 27.33 10.10 3.15
N PHE B 126 26.01 10.08 3.34
CA PHE B 126 25.41 9.59 4.58
C PHE B 126 25.71 8.12 4.79
N TYR B 127 25.60 7.30 3.75
CA TYR B 127 26.00 5.90 3.86
C TYR B 127 27.51 5.76 3.91
N ASN B 128 28.25 6.76 3.41
CA ASN B 128 29.69 6.76 3.60
C ASN B 128 30.08 7.03 5.05
N VAL B 129 29.24 7.69 5.83
CA VAL B 129 29.56 8.00 7.22
C VAL B 129 28.71 7.20 8.20
N TYR B 130 27.40 7.01 7.95
CA TYR B 130 26.51 6.41 8.94
C TYR B 130 26.35 4.92 8.67
N LYS B 131 27.37 4.16 9.06
CA LYS B 131 27.30 2.70 9.12
C LYS B 131 27.35 2.24 10.57
N ASP B 132 26.89 1.00 10.79
CA ASP B 132 26.70 0.38 12.11
C ASP B 132 25.80 1.23 13.00
N THR B 133 24.68 1.68 12.44
CA THR B 133 23.71 2.49 13.17
C THR B 133 22.76 1.64 14.01
N GLU B 134 22.78 0.31 13.86
CA GLU B 134 21.84 -0.54 14.59
C GLU B 134 22.24 -0.75 16.05
N TYR B 135 23.46 -0.38 16.43
CA TYR B 135 23.89 -0.46 17.82
C TYR B 135 23.64 0.83 18.59
N ALA B 136 22.69 1.64 18.14
CA ALA B 136 22.38 2.88 18.82
C ALA B 136 21.63 2.59 20.12
N PRO B 137 22.03 3.19 21.24
CA PRO B 137 21.28 3.00 22.50
C PRO B 137 19.91 3.67 22.41
N VAL B 138 18.93 3.03 23.06
CA VAL B 138 17.52 3.38 22.89
C VAL B 138 17.23 4.71 23.56
N HIS B 139 16.41 5.53 22.90
CA HIS B 139 15.96 6.81 23.43
C HIS B 139 15.15 6.62 24.72
N GLN B 140 15.20 7.63 25.59
CA GLN B 140 14.40 7.61 26.81
C GLN B 140 12.91 7.74 26.48
N ASP B 141 12.58 8.46 25.41
CA ASP B 141 11.21 8.53 24.91
C ASP B 141 10.93 7.28 24.10
N LYS B 142 10.02 6.43 24.60
CA LYS B 142 9.71 5.18 23.89
C LYS B 142 8.87 5.43 22.66
N GLU B 143 8.18 6.57 22.58
CA GLU B 143 7.45 6.93 21.37
C GLU B 143 8.34 7.48 20.28
N HIS B 144 9.62 7.74 20.58
CA HIS B 144 10.59 8.17 19.58
C HIS B 144 11.12 6.91 18.89
N ILE B 145 10.67 6.68 17.65
CA ILE B 145 11.23 5.59 16.84
C ILE B 145 12.72 5.78 16.56
N PRO B 146 13.24 7.00 16.31
CA PRO B 146 14.70 7.19 16.44
C PRO B 146 15.17 6.96 17.86
N PRO B 147 16.26 6.22 18.05
CA PRO B 147 16.87 6.07 19.38
C PRO B 147 17.60 7.32 19.87
N ALA B 148 18.37 7.16 20.96
CA ALA B 148 18.95 8.31 21.66
C ALA B 148 19.98 9.04 20.82
N PHE B 149 20.92 8.31 20.20
CA PHE B 149 21.89 8.93 19.32
C PHE B 149 22.38 7.90 18.31
N TYR B 150 22.42 8.28 17.04
CA TYR B 150 22.86 7.37 15.99
C TYR B 150 24.37 7.20 16.02
N LEU B 151 24.86 6.22 15.27
CA LEU B 151 26.28 5.88 15.22
C LEU B 151 26.83 6.09 13.82
N PRO B 152 27.40 7.26 13.52
CA PRO B 152 28.13 7.41 12.25
C PRO B 152 29.57 6.92 12.37
N ILE B 153 30.39 7.22 11.37
CA ILE B 153 31.83 7.02 11.48
C ILE B 153 32.58 8.33 11.80
N ILE B 154 31.98 9.49 11.52
CA ILE B 154 32.54 10.80 11.81
C ILE B 154 31.39 11.67 12.33
N PRO B 155 31.50 12.26 13.52
CA PRO B 155 30.42 13.11 14.03
C PRO B 155 30.41 14.47 13.36
N THR B 156 29.20 15.03 13.22
CA THR B 156 29.01 16.26 12.46
C THR B 156 28.31 17.35 13.28
N VAL B 157 28.49 17.36 14.60
CA VAL B 157 27.93 18.44 15.40
C VAL B 157 28.73 19.73 15.22
N LEU B 158 30.03 19.61 14.95
CA LEU B 158 30.89 20.77 14.75
C LEU B 158 31.47 20.84 13.35
N LEU B 159 31.12 19.91 12.47
CA LEU B 159 31.61 19.94 11.09
C LEU B 159 30.75 20.78 10.16
N ASN B 160 29.61 21.28 10.64
CA ASN B 160 28.69 22.03 9.77
C ASN B 160 28.35 23.42 10.28
N GLY B 161 28.32 23.63 11.58
CA GLY B 161 27.96 24.93 12.13
C GLY B 161 26.48 25.06 12.39
N VAL B 162 26.11 25.44 13.62
CA VAL B 162 24.71 25.51 14.01
C VAL B 162 24.57 26.55 15.12
N SER B 163 23.40 27.16 15.20
CA SER B 163 23.08 28.14 16.22
C SER B 163 21.93 27.61 17.07
N GLY B 164 22.06 27.71 18.39
CA GLY B 164 21.02 27.21 19.26
C GLY B 164 20.93 27.91 20.61
N ILE B 165 19.74 28.35 20.98
CA ILE B 165 19.49 28.99 22.27
C ILE B 165 18.49 28.15 23.04
N ALA B 166 18.92 27.60 24.16
CA ALA B 166 18.06 26.86 25.08
C ALA B 166 17.89 27.67 26.36
N THR B 167 17.12 27.11 27.30
CA THR B 167 16.70 27.83 28.50
C THR B 167 17.90 28.09 29.42
N GLY B 168 18.46 29.30 29.31
CA GLY B 168 19.65 29.66 30.05
C GLY B 168 20.97 29.37 29.36
N TYR B 169 20.94 28.83 28.13
CA TYR B 169 22.18 28.45 27.48
C TYR B 169 22.16 28.88 26.01
N ALA B 170 23.34 29.08 25.45
CA ALA B 170 23.46 29.46 24.05
C ALA B 170 24.71 28.84 23.45
N THR B 171 24.64 28.55 22.16
CA THR B 171 25.78 27.98 21.45
C THR B 171 25.77 28.42 19.99
N TYR B 172 26.96 28.68 19.46
CA TYR B 172 27.16 29.02 18.05
C TYR B 172 28.38 28.25 17.58
N ILE B 173 28.25 27.50 16.50
CA ILE B 173 29.25 26.54 16.07
C ILE B 173 29.58 26.81 14.60
N LEU B 174 30.88 26.96 14.31
CA LEU B 174 31.50 27.19 13.00
C LEU B 174 32.12 25.91 12.46
N PRO B 175 31.87 25.59 11.19
CA PRO B 175 32.48 24.39 10.61
C PRO B 175 33.98 24.58 10.35
N HIS B 176 34.66 23.43 10.21
CA HIS B 176 36.09 23.40 9.96
C HIS B 176 36.36 22.40 8.83
N SER B 177 37.62 22.02 8.66
CA SER B 177 38.04 21.18 7.54
C SER B 177 37.62 19.72 7.75
N VAL B 178 38.01 18.88 6.80
CA VAL B 178 37.63 17.47 6.81
C VAL B 178 38.86 16.57 6.77
N SER B 179 39.67 16.72 5.72
CA SER B 179 40.77 15.77 5.49
C SER B 179 41.92 15.99 6.46
N SER B 180 42.20 17.24 6.82
CA SER B 180 43.21 17.51 7.83
C SER B 180 42.75 17.02 9.20
N VAL B 181 41.45 17.07 9.45
CA VAL B 181 40.89 16.51 10.68
C VAL B 181 40.98 14.99 10.65
N LYS B 182 40.82 14.38 9.48
CA LYS B 182 41.03 12.95 9.32
C LYS B 182 42.48 12.57 9.60
N LYS B 183 43.42 13.41 9.16
CA LYS B 183 44.83 13.22 9.50
C LYS B 183 45.06 13.37 11.00
N ALA B 184 44.35 14.30 11.65
CA ALA B 184 44.47 14.49 13.09
C ALA B 184 43.97 13.28 13.86
N VAL B 185 42.86 12.69 13.42
CA VAL B 185 42.34 11.49 14.08
C VAL B 185 43.24 10.28 13.79
N LEU B 186 43.85 10.25 12.59
CA LEU B 186 44.83 9.22 12.27
C LEU B 186 46.06 9.32 13.17
N GLN B 187 46.44 10.54 13.53
CA GLN B 187 47.46 10.72 14.56
C GLN B 187 46.95 10.35 15.94
N ALA B 188 45.66 10.61 16.20
CA ALA B 188 45.12 10.48 17.55
C ALA B 188 44.87 9.03 17.93
N LEU B 189 44.72 8.14 16.95
CA LEU B 189 44.41 6.75 17.25
C LEU B 189 45.58 6.02 17.93
N GLN B 190 46.82 6.51 17.75
CA GLN B 190 47.95 6.02 18.53
C GLN B 190 48.28 6.91 19.71
N GLY B 191 47.50 7.98 19.93
CA GLY B 191 47.68 8.82 21.09
C GLY B 191 48.68 9.95 20.93
N LYS B 192 48.44 10.82 19.96
CA LYS B 192 49.29 11.99 19.73
C LYS B 192 48.59 13.24 20.25
N LYS B 193 49.19 14.40 19.95
CA LYS B 193 48.69 15.66 20.48
C LYS B 193 47.52 16.18 19.66
N VAL B 194 46.88 17.22 20.19
CA VAL B 194 45.75 17.83 19.52
C VAL B 194 46.22 18.74 18.39
N THR B 195 45.67 18.55 17.20
CA THR B 195 45.98 19.37 16.05
C THR B 195 44.91 20.43 15.89
N LYS B 196 45.33 21.69 15.75
CA LYS B 196 44.37 22.77 15.56
C LYS B 196 43.93 22.82 14.10
N PRO B 197 42.64 22.67 13.80
CA PRO B 197 42.21 22.66 12.40
C PRO B 197 42.13 24.06 11.79
N LYS B 198 41.71 24.12 10.54
CA LYS B 198 41.44 25.38 9.85
C LYS B 198 39.93 25.58 9.77
N VAL B 199 39.47 26.77 10.17
CA VAL B 199 38.03 27.05 10.17
C VAL B 199 37.59 27.28 8.73
N GLU B 200 37.02 26.25 8.12
CA GLU B 200 36.63 26.27 6.72
C GLU B 200 35.11 26.34 6.60
N PHE B 201 34.62 27.25 5.77
CA PHE B 201 33.21 27.39 5.46
C PHE B 201 32.98 27.05 3.99
N PRO B 202 31.82 26.48 3.64
CA PRO B 202 31.57 26.14 2.24
C PRO B 202 31.20 27.38 1.44
N GLU B 203 31.63 27.38 0.17
CA GLU B 203 31.46 28.49 -0.78
C GLU B 203 32.04 29.79 -0.23
N PHE B 204 33.19 29.69 0.41
CA PHE B 204 33.86 30.82 1.05
C PHE B 204 35.17 31.09 0.34
N ARG B 205 35.42 32.34 -0.01
CA ARG B 205 36.60 32.72 -0.77
C ARG B 205 37.52 33.71 -0.05
N GLY B 206 37.19 34.10 1.17
CA GLY B 206 37.99 35.07 1.90
C GLY B 206 39.09 34.46 2.74
N GLU B 207 39.10 34.78 4.03
CA GLU B 207 40.13 34.30 4.95
C GLU B 207 39.55 34.24 6.36
N VAL B 208 40.06 33.31 7.17
CA VAL B 208 39.70 33.21 8.58
C VAL B 208 40.98 33.23 9.39
N VAL B 209 41.10 34.20 10.30
CA VAL B 209 42.28 34.33 11.14
C VAL B 209 41.84 34.26 12.60
N GLU B 210 42.40 33.31 13.34
CA GLU B 210 42.05 33.11 14.74
C GLU B 210 42.91 34.00 15.62
N ILE B 211 42.30 35.01 16.24
CA ILE B 211 42.97 35.93 17.16
C ILE B 211 42.23 35.90 18.49
N ASP B 212 43.00 35.74 19.58
CA ASP B 212 42.61 35.65 20.99
C ASP B 212 41.34 34.84 21.25
N GLY B 213 41.20 33.71 20.58
CA GLY B 213 40.01 32.88 20.72
C GLY B 213 38.93 33.16 19.70
N GLN B 214 38.74 34.44 19.37
CA GLN B 214 37.79 34.81 18.34
C GLN B 214 38.36 34.54 16.96
N TYR B 215 37.51 34.65 15.95
CA TYR B 215 37.90 34.45 14.55
C TYR B 215 37.46 35.65 13.75
N GLU B 216 38.41 36.32 13.10
CA GLU B 216 38.11 37.36 12.14
C GLU B 216 37.92 36.71 10.77
N ILE B 217 36.70 36.80 10.25
CA ILE B 217 36.36 36.34 8.92
C ILE B 217 36.42 37.55 8.01
N ARG B 218 37.23 37.45 6.96
CA ARG B 218 37.61 38.58 6.12
C ARG B 218 37.23 38.30 4.68
N GLY B 219 36.32 39.10 4.13
CA GLY B 219 35.94 39.00 2.74
C GLY B 219 36.97 39.59 1.82
N THR B 220 36.91 39.19 0.56
CA THR B 220 37.85 39.63 -0.47
C THR B 220 37.30 40.88 -1.14
N TYR B 221 38.10 41.94 -1.15
CA TYR B 221 37.79 43.17 -1.85
C TYR B 221 39.01 43.62 -2.63
N LYS B 222 38.80 44.05 -3.87
CA LYS B 222 39.88 44.39 -4.78
C LYS B 222 39.74 45.81 -5.28
N PHE B 223 40.85 46.55 -5.20
CA PHE B 223 40.96 47.89 -5.77
C PHE B 223 41.11 47.76 -7.28
N THR B 224 39.99 47.90 -8.00
CA THR B 224 40.07 47.87 -9.46
C THR B 224 40.69 49.16 -10.02
N SER B 225 40.50 50.28 -9.33
CA SER B 225 41.21 51.52 -9.62
C SER B 225 41.33 52.30 -8.32
N ARG B 226 41.55 53.61 -8.43
CA ARG B 226 41.70 54.44 -7.24
C ARG B 226 40.38 54.61 -6.50
N THR B 227 39.29 54.85 -7.24
CA THR B 227 37.98 55.09 -6.63
C THR B 227 36.94 54.06 -7.04
N GLN B 228 37.37 52.86 -7.43
CA GLN B 228 36.46 51.78 -7.78
C GLN B 228 36.92 50.50 -7.09
N MET B 229 35.95 49.68 -6.69
CA MET B 229 36.21 48.49 -5.90
C MET B 229 35.27 47.37 -6.32
N HIS B 230 35.77 46.14 -6.26
CA HIS B 230 34.97 44.96 -6.55
C HIS B 230 35.04 44.02 -5.36
N ILE B 231 33.87 43.62 -4.85
CA ILE B 231 33.78 42.76 -3.68
C ILE B 231 33.25 41.40 -4.12
N THR B 232 33.98 40.33 -3.78
CA THR B 232 33.59 38.97 -4.13
C THR B 232 33.19 38.11 -2.95
N GLU B 233 33.50 38.53 -1.72
CA GLU B 233 33.17 37.73 -0.55
C GLU B 233 32.67 38.62 0.59
N ILE B 234 31.59 38.17 1.22
CA ILE B 234 31.00 38.87 2.36
C ILE B 234 30.83 37.85 3.49
N PRO B 235 30.84 38.31 4.75
CA PRO B 235 30.73 37.37 5.88
C PRO B 235 29.40 36.65 5.95
N TYR B 236 29.35 35.64 6.82
CA TYR B 236 28.23 34.70 6.82
C TYR B 236 26.99 35.29 7.49
N LYS B 237 27.17 36.34 8.29
CA LYS B 237 26.02 37.07 8.83
C LYS B 237 25.37 37.96 7.78
N TYR B 238 26.00 38.14 6.63
CA TYR B 238 25.49 38.97 5.54
C TYR B 238 25.11 38.08 4.37
N ASP B 239 23.82 38.08 4.01
CA ASP B 239 23.36 37.57 2.73
C ASP B 239 23.35 38.73 1.74
N ARG B 240 22.60 38.62 0.64
CA ARG B 240 22.42 39.75 -0.26
C ARG B 240 21.72 40.92 0.45
N GLU B 241 20.57 40.62 1.07
CA GLU B 241 19.69 41.67 1.58
C GLU B 241 20.28 42.39 2.79
N THR B 242 20.89 41.64 3.72
CA THR B 242 21.43 42.29 4.92
C THR B 242 22.75 43.00 4.63
N TYR B 243 23.51 42.55 3.63
CA TYR B 243 24.71 43.30 3.26
C TYR B 243 24.33 44.56 2.49
N VAL B 244 23.21 44.54 1.77
CA VAL B 244 22.72 45.77 1.16
C VAL B 244 22.20 46.73 2.23
N SER B 245 21.37 46.23 3.14
CA SER B 245 20.64 47.11 4.06
C SER B 245 21.45 47.53 5.27
N LYS B 246 22.47 46.76 5.65
CA LYS B 246 23.26 47.10 6.83
C LYS B 246 24.63 47.68 6.50
N ILE B 247 25.09 47.53 5.26
CA ILE B 247 26.39 48.08 4.85
C ILE B 247 26.20 49.05 3.70
N LEU B 248 25.61 48.56 2.60
CA LEU B 248 25.56 49.34 1.37
C LEU B 248 24.59 50.51 1.46
N ASP B 249 23.44 50.29 2.12
CA ASP B 249 22.50 51.39 2.31
C ASP B 249 22.93 52.42 3.36
N PRO B 250 23.52 52.07 4.51
CA PRO B 250 24.07 53.15 5.36
C PRO B 250 25.24 53.90 4.75
N LEU B 251 26.07 53.22 3.95
CA LEU B 251 27.14 53.94 3.26
C LEU B 251 26.58 54.81 2.13
N GLU B 252 25.47 54.37 1.52
CA GLU B 252 24.86 55.15 0.45
C GLU B 252 24.14 56.37 0.98
N ASN B 253 23.41 56.21 2.09
CA ASN B 253 22.59 57.31 2.61
C ASN B 253 23.44 58.37 3.30
N LYS B 254 24.64 58.01 3.76
CA LYS B 254 25.54 58.96 4.40
C LYS B 254 26.44 59.70 3.41
N GLY B 255 26.25 59.47 2.12
CA GLY B 255 27.05 60.16 1.11
C GLY B 255 28.48 59.66 0.99
N PHE B 256 28.70 58.37 1.27
CA PHE B 256 30.05 57.80 1.27
C PHE B 256 30.38 57.12 -0.05
N ILE B 257 29.64 56.07 -0.42
CA ILE B 257 29.91 55.28 -1.62
C ILE B 257 28.65 55.23 -2.47
N THR B 258 28.81 54.74 -3.70
CA THR B 258 27.70 54.35 -4.55
C THR B 258 27.90 52.89 -4.95
N TRP B 259 26.96 52.04 -4.56
CA TRP B 259 27.10 50.60 -4.71
C TRP B 259 26.21 50.09 -5.85
N ASP B 260 26.67 49.01 -6.48
CA ASP B 260 25.91 48.32 -7.53
C ASP B 260 25.99 46.83 -7.27
N ASP B 261 24.84 46.15 -7.32
CA ASP B 261 24.76 44.73 -7.05
C ASP B 261 25.07 43.96 -8.33
N ALA B 262 26.26 43.34 -8.38
CA ALA B 262 26.70 42.56 -9.52
C ALA B 262 27.07 41.13 -9.12
N CYS B 263 26.26 40.52 -8.24
CA CYS B 263 26.54 39.18 -7.77
C CYS B 263 26.20 38.14 -8.84
N GLY B 264 26.69 36.92 -8.63
CA GLY B 264 26.42 35.81 -9.50
C GLY B 264 25.51 34.76 -8.85
N GLU B 265 25.32 33.66 -9.56
CA GLU B 265 24.51 32.57 -9.05
C GLU B 265 25.23 31.79 -7.96
N HIS B 266 26.53 31.59 -8.13
CA HIS B 266 27.35 30.83 -7.18
C HIS B 266 28.48 31.69 -6.63
N GLY B 267 28.17 32.92 -6.24
CA GLY B 267 29.18 33.81 -5.70
C GLY B 267 28.58 35.17 -5.38
N PHE B 268 29.45 36.06 -4.95
CA PHE B 268 29.10 37.43 -4.60
C PHE B 268 29.84 38.42 -5.49
N GLY B 269 29.27 39.61 -5.63
CA GLY B 269 29.91 40.68 -6.36
C GLY B 269 29.25 42.03 -6.14
N PHE B 270 30.05 43.03 -5.75
CA PHE B 270 29.55 44.37 -5.51
C PHE B 270 30.52 45.37 -6.11
N LYS B 271 30.02 46.26 -6.96
CA LYS B 271 30.82 47.28 -7.61
C LYS B 271 30.61 48.59 -6.87
N VAL B 272 31.65 49.09 -6.21
CA VAL B 272 31.55 50.25 -5.34
C VAL B 272 32.38 51.37 -5.95
N LYS B 273 31.74 52.52 -6.18
CA LYS B 273 32.43 53.72 -6.64
C LYS B 273 32.48 54.71 -5.49
N PHE B 274 33.69 55.14 -5.14
CA PHE B 274 33.89 56.07 -4.03
C PHE B 274 33.54 57.48 -4.48
N ARG B 275 32.69 58.15 -3.72
CA ARG B 275 32.41 59.55 -3.97
C ARG B 275 33.52 60.42 -3.38
N LYS B 276 33.44 61.73 -3.65
CA LYS B 276 34.52 62.63 -3.29
C LYS B 276 34.54 62.93 -1.79
N GLU B 277 33.43 62.71 -1.10
CA GLU B 277 33.41 62.98 0.34
C GLU B 277 34.13 61.89 1.12
N TYR B 278 34.08 60.66 0.64
CA TYR B 278 34.77 59.54 1.28
C TYR B 278 36.27 59.67 1.03
N SER B 279 37.01 60.14 2.04
CA SER B 279 38.44 60.29 1.91
C SER B 279 39.15 58.95 2.04
N LEU B 280 40.12 58.72 1.16
CA LEU B 280 40.94 57.51 1.18
C LEU B 280 42.34 57.87 1.65
N SER B 281 42.85 57.09 2.60
CA SER B 281 44.18 57.34 3.14
C SER B 281 45.26 56.97 2.12
N ASP B 282 46.35 57.75 2.13
CA ASP B 282 47.45 57.47 1.20
C ASP B 282 48.23 56.24 1.63
N ASN B 283 48.32 56.00 2.94
CA ASN B 283 48.91 54.75 3.42
C ASN B 283 47.96 53.60 3.14
N GLU B 284 48.53 52.47 2.70
CA GLU B 284 47.69 51.33 2.31
C GLU B 284 47.09 50.64 3.53
N GLU B 285 47.81 50.65 4.65
CA GLU B 285 47.32 49.96 5.86
C GLU B 285 46.15 50.72 6.49
N GLU B 286 46.27 52.04 6.60
CA GLU B 286 45.20 52.83 7.20
C GLU B 286 43.96 52.88 6.31
N ARG B 287 44.16 53.01 4.99
CA ARG B 287 43.05 52.99 4.06
C ARG B 287 42.37 51.61 4.03
N HIS B 288 43.18 50.55 4.10
CA HIS B 288 42.65 49.19 4.16
C HIS B 288 41.84 48.95 5.43
N ALA B 289 42.34 49.46 6.57
CA ALA B 289 41.61 49.31 7.82
C ALA B 289 40.32 50.12 7.82
N LYS B 290 40.36 51.33 7.25
CA LYS B 290 39.17 52.18 7.20
C LYS B 290 38.09 51.58 6.30
N ILE B 291 38.50 51.07 5.12
CA ILE B 291 37.56 50.44 4.21
C ILE B 291 37.02 49.14 4.81
N MET B 292 37.89 48.35 5.43
CA MET B 292 37.51 47.03 5.93
C MET B 292 36.65 47.14 7.18
N LYS B 293 36.77 48.24 7.92
CA LYS B 293 35.88 48.50 9.05
C LYS B 293 34.56 49.11 8.59
N ASP B 294 34.61 50.01 7.59
CA ASP B 294 33.39 50.67 7.14
C ASP B 294 32.49 49.74 6.33
N PHE B 295 33.07 48.78 5.61
CA PHE B 295 32.28 47.86 4.80
C PHE B 295 31.83 46.62 5.56
N GLY B 296 32.25 46.46 6.81
CA GLY B 296 31.78 45.35 7.62
C GLY B 296 32.23 43.98 7.16
N LEU B 297 33.30 43.91 6.37
CA LEU B 297 33.77 42.66 5.80
C LEU B 297 34.59 41.83 6.79
N ILE B 298 34.90 42.38 7.96
CA ILE B 298 35.46 41.60 9.06
C ILE B 298 34.31 41.24 10.00
N GLU B 299 34.12 39.95 10.22
CA GLU B 299 33.18 39.45 11.22
C GLU B 299 33.98 38.79 12.33
N ARG B 300 33.84 39.29 13.55
CA ARG B 300 34.59 38.78 14.69
C ARG B 300 33.69 37.82 15.45
N ARG B 301 33.75 36.55 15.07
CA ARG B 301 32.86 35.52 15.58
C ARG B 301 33.51 34.77 16.74
N SER B 302 32.70 34.45 17.73
CA SER B 302 33.13 33.66 18.89
C SER B 302 32.36 32.35 18.87
N GLN B 303 33.03 31.27 18.46
CA GLN B 303 32.39 29.97 18.38
C GLN B 303 32.20 29.37 19.77
N ASN B 304 30.95 29.07 20.12
CA ASN B 304 30.63 28.41 21.38
C ASN B 304 30.54 26.91 21.11
N ILE B 305 31.55 26.18 21.56
CA ILE B 305 31.70 24.77 21.20
C ILE B 305 30.83 23.86 22.07
N THR B 306 30.38 24.35 23.23
CA THR B 306 29.69 23.52 24.23
C THR B 306 28.34 23.00 23.72
N VAL B 307 28.12 21.69 23.92
CA VAL B 307 26.97 20.98 23.38
C VAL B 307 26.86 19.66 24.14
N ILE B 308 25.70 18.99 24.05
CA ILE B 308 25.43 17.77 24.82
C ILE B 308 26.35 16.62 24.44
N ASN B 309 26.89 15.96 25.46
CA ASN B 309 27.34 14.57 25.39
C ASN B 309 26.33 13.66 26.06
N GLU B 310 26.29 12.41 25.57
CA GLU B 310 25.41 11.30 25.94
C GLU B 310 23.95 11.66 26.15
N LYS B 311 23.45 11.51 27.38
CA LYS B 311 22.04 11.59 27.68
C LYS B 311 21.67 12.93 28.29
N GLY B 312 22.25 14.00 27.75
CA GLY B 312 21.90 15.33 28.22
C GLY B 312 22.87 15.96 29.19
N LYS B 313 24.16 16.02 28.86
CA LYS B 313 25.07 16.79 29.72
C LYS B 313 25.91 17.71 28.84
N LEU B 314 25.92 19.01 29.15
CA LEU B 314 26.65 19.97 28.33
C LEU B 314 28.16 19.80 28.53
N GLN B 315 28.91 19.97 27.44
CA GLN B 315 30.35 19.75 27.43
C GLN B 315 31.03 20.82 26.58
N VAL B 316 32.13 21.37 27.10
CA VAL B 316 32.92 22.39 26.42
C VAL B 316 34.12 21.72 25.76
N TYR B 317 34.32 21.99 24.47
CA TYR B 317 35.49 21.50 23.74
C TYR B 317 36.15 22.68 23.04
N ASP B 318 37.09 22.38 22.14
CA ASP B 318 37.80 23.43 21.41
C ASP B 318 37.45 23.43 19.92
N ASN B 319 37.55 22.28 19.26
CA ASN B 319 37.32 22.18 17.82
C ASN B 319 36.75 20.79 17.52
N VAL B 320 36.79 20.41 16.24
CA VAL B 320 36.31 19.10 15.81
C VAL B 320 37.22 17.96 16.24
N VAL B 321 38.50 18.24 16.54
CA VAL B 321 39.48 17.19 16.71
C VAL B 321 39.23 16.39 17.98
N ASP B 322 39.04 17.10 19.11
CA ASP B 322 38.74 16.42 20.37
C ASP B 322 37.38 15.73 20.33
N LEU B 323 36.44 16.31 19.57
CA LEU B 323 35.15 15.69 19.30
C LEU B 323 35.30 14.31 18.66
N ILE B 324 36.08 14.23 17.57
CA ILE B 324 36.21 12.93 16.91
C ILE B 324 37.16 12.02 17.69
N LYS B 325 38.04 12.58 18.53
CA LYS B 325 38.84 11.76 19.45
C LYS B 325 37.95 11.01 20.43
N ASP B 326 37.07 11.72 21.12
CA ASP B 326 36.18 11.05 22.06
C ASP B 326 35.12 10.23 21.34
N PHE B 327 34.79 10.58 20.10
CA PHE B 327 33.90 9.76 19.28
C PHE B 327 34.53 8.41 18.97
N VAL B 328 35.82 8.40 18.62
CA VAL B 328 36.57 7.16 18.41
C VAL B 328 36.67 6.37 19.70
N GLU B 329 36.88 7.06 20.83
CA GLU B 329 37.01 6.35 22.11
C GLU B 329 35.70 5.71 22.55
N VAL B 330 34.56 6.34 22.20
CA VAL B 330 33.27 5.69 22.43
C VAL B 330 33.03 4.56 21.43
N ARG B 331 33.43 4.78 20.18
CA ARG B 331 33.18 3.86 19.08
C ARG B 331 33.95 2.55 19.24
N LYS B 332 35.09 2.60 19.95
CA LYS B 332 35.93 1.41 20.15
C LYS B 332 35.18 0.33 20.94
N THR B 333 34.35 0.75 21.89
CA THR B 333 33.53 -0.21 22.63
C THR B 333 32.51 -0.89 21.74
N TYR B 334 31.91 -0.14 20.80
CA TYR B 334 30.95 -0.71 19.86
C TYR B 334 31.62 -1.70 18.91
N VAL B 335 32.83 -1.38 18.45
CA VAL B 335 33.55 -2.30 17.56
C VAL B 335 34.02 -3.53 18.33
N GLN B 336 34.37 -3.38 19.61
CA GLN B 336 34.70 -4.55 20.42
C GLN B 336 33.49 -5.44 20.64
N LYS B 337 32.31 -4.83 20.84
CA LYS B 337 31.07 -5.60 20.98
C LYS B 337 30.72 -6.31 19.67
N ARG B 338 30.92 -5.66 18.53
CA ARG B 338 30.62 -6.31 17.26
C ARG B 338 31.65 -7.41 16.96
N ILE B 339 32.88 -7.27 17.45
CA ILE B 339 33.87 -8.33 17.31
C ILE B 339 33.48 -9.55 18.15
N ASP B 340 33.02 -9.32 19.38
CA ASP B 340 32.57 -10.41 20.23
C ASP B 340 31.32 -11.10 19.67
N ASN B 341 30.39 -10.31 19.14
CA ASN B 341 29.18 -10.90 18.54
C ASN B 341 29.50 -11.65 17.25
N LYS B 342 30.49 -11.17 16.49
CA LYS B 342 30.94 -11.90 15.31
C LYS B 342 31.61 -13.21 15.70
N ILE B 343 32.36 -13.21 16.80
CA ILE B 343 32.97 -14.43 17.33
C ILE B 343 31.89 -15.43 17.73
N LYS B 344 30.85 -14.95 18.42
CA LYS B 344 29.75 -15.81 18.86
C LYS B 344 28.99 -16.40 17.67
N GLU B 345 28.67 -15.57 16.67
CA GLU B 345 27.89 -16.07 15.55
C GLU B 345 28.71 -16.97 14.63
N THR B 346 30.02 -16.72 14.51
CA THR B 346 30.86 -17.60 13.69
C THR B 346 31.10 -18.93 14.38
N GLU B 347 31.26 -18.93 15.70
CA GLU B 347 31.39 -20.20 16.44
C GLU B 347 30.08 -20.98 16.40
N SER B 348 28.95 -20.27 16.49
CA SER B 348 27.65 -20.91 16.39
C SER B 348 27.43 -21.52 15.02
N ALA B 349 27.71 -20.76 13.96
CA ALA B 349 27.52 -21.27 12.61
C ALA B 349 28.52 -22.39 12.30
N PHE B 350 29.71 -22.35 12.93
CA PHE B 350 30.66 -23.45 12.82
C PHE B 350 30.09 -24.72 13.43
N ARG B 351 29.55 -24.65 14.64
CA ARG B 351 29.08 -25.87 15.28
C ARG B 351 27.79 -26.39 14.65
N LEU B 352 26.94 -25.48 14.15
CA LEU B 352 25.75 -25.89 13.39
C LEU B 352 26.12 -26.57 12.08
N ALA B 353 27.06 -26.01 11.32
CA ALA B 353 27.46 -26.63 10.05
C ALA B 353 28.30 -27.89 10.25
N PHE B 354 29.06 -27.95 11.35
CA PHE B 354 29.77 -29.17 11.68
C PHE B 354 28.80 -30.27 12.07
N ALA B 355 27.72 -29.91 12.76
CA ALA B 355 26.68 -30.88 13.07
C ALA B 355 25.95 -31.33 11.80
N LYS B 356 25.80 -30.42 10.83
CA LYS B 356 25.27 -30.77 9.51
C LYS B 356 26.12 -31.86 8.87
N ALA B 357 27.41 -31.58 8.68
CA ALA B 357 28.30 -32.50 7.98
C ALA B 357 28.48 -33.81 8.76
N HIS B 358 28.51 -33.73 10.09
CA HIS B 358 28.74 -34.92 10.90
C HIS B 358 27.52 -35.82 10.93
N PHE B 359 26.31 -35.25 11.04
CA PHE B 359 25.11 -36.06 11.02
C PHE B 359 24.86 -36.65 9.63
N ILE B 360 25.18 -35.89 8.58
CA ILE B 360 25.10 -36.43 7.23
C ILE B 360 26.07 -37.59 7.05
N LYS B 361 27.31 -37.46 7.53
CA LYS B 361 28.28 -38.54 7.40
C LYS B 361 27.86 -39.77 8.22
N LYS B 362 27.22 -39.54 9.37
CA LYS B 362 26.71 -40.62 10.19
C LYS B 362 25.58 -41.39 9.49
N VAL B 363 24.75 -40.67 8.71
CA VAL B 363 23.71 -41.40 8.00
C VAL B 363 24.15 -41.85 6.61
N ILE B 364 25.29 -41.35 6.10
CA ILE B 364 25.90 -41.98 4.93
C ILE B 364 26.45 -43.35 5.32
N SER B 365 27.21 -43.39 6.41
CA SER B 365 27.72 -44.67 6.91
C SER B 365 26.66 -45.50 7.61
N GLY B 366 25.47 -44.94 7.87
CA GLY B 366 24.38 -45.68 8.47
C GLY B 366 24.54 -45.99 9.94
N GLU B 367 25.36 -45.22 10.66
CA GLU B 367 25.54 -45.45 12.08
C GLU B 367 24.34 -44.98 12.91
N ILE B 368 23.53 -44.08 12.37
CA ILE B 368 22.29 -43.66 13.01
C ILE B 368 21.15 -44.09 12.11
N VAL B 369 20.32 -45.01 12.60
CA VAL B 369 19.20 -45.56 11.84
C VAL B 369 17.99 -44.65 12.06
N VAL B 370 17.37 -44.25 10.95
CA VAL B 370 16.20 -43.38 10.99
C VAL B 370 14.96 -44.10 10.48
N GLN B 371 15.13 -45.01 9.53
CA GLN B 371 14.01 -45.71 8.93
C GLN B 371 13.44 -46.76 9.88
N GLY B 372 12.19 -47.16 9.62
CA GLY B 372 11.50 -48.13 10.45
C GLY B 372 11.08 -47.59 11.80
N LYS B 373 11.02 -46.27 11.96
CA LYS B 373 10.92 -45.65 13.27
C LYS B 373 9.85 -44.57 13.25
N THR B 374 9.66 -43.92 14.39
CA THR B 374 8.66 -42.89 14.58
C THR B 374 9.32 -41.57 14.99
N ARG B 375 8.50 -40.59 15.35
CA ARG B 375 8.99 -39.25 15.69
C ARG B 375 9.72 -39.25 17.03
N LYS B 376 8.99 -39.62 18.10
CA LYS B 376 9.51 -39.43 19.46
C LYS B 376 10.67 -40.36 19.77
N GLU B 377 10.67 -41.56 19.17
CA GLU B 377 11.80 -42.47 19.34
C GLU B 377 13.05 -41.91 18.67
N LEU B 378 12.89 -41.26 17.51
CA LEU B 378 14.05 -40.64 16.86
C LEU B 378 14.54 -39.41 17.63
N THR B 379 13.63 -38.65 18.24
CA THR B 379 14.06 -37.53 19.07
C THR B 379 14.81 -38.01 20.31
N GLU B 380 14.32 -39.09 20.94
CA GLU B 380 15.03 -39.64 22.09
C GLU B 380 16.33 -40.35 21.68
N GLU B 381 16.40 -40.82 20.43
CA GLU B 381 17.64 -41.41 19.93
C GLU B 381 18.69 -40.34 19.68
N LEU B 382 18.29 -39.20 19.11
CA LEU B 382 19.24 -38.11 18.89
C LEU B 382 19.46 -37.28 20.15
N SER B 383 18.68 -37.50 21.20
CA SER B 383 18.90 -36.84 22.48
C SER B 383 20.14 -37.37 23.22
N LYS B 384 20.64 -38.55 22.87
CA LYS B 384 21.79 -39.10 23.56
C LYS B 384 23.11 -38.46 23.14
N ILE B 385 23.13 -37.71 22.05
CA ILE B 385 24.30 -36.97 21.59
C ILE B 385 23.97 -35.49 21.68
N ASP B 386 24.78 -34.75 22.45
CA ASP B 386 24.40 -33.43 22.95
C ASP B 386 24.31 -32.40 21.83
N MET B 387 25.21 -32.47 20.86
CA MET B 387 25.16 -31.58 19.70
C MET B 387 23.93 -31.86 18.85
N TYR B 388 23.67 -33.15 18.59
CA TYR B 388 22.47 -33.54 17.87
C TYR B 388 21.21 -33.23 18.68
N SER B 389 21.28 -33.39 20.00
CA SER B 389 20.14 -33.08 20.87
C SER B 389 19.80 -31.60 20.83
N SER B 390 20.82 -30.73 20.79
CA SER B 390 20.57 -29.31 20.69
C SER B 390 20.05 -28.93 19.31
N TYR B 391 20.55 -29.57 18.25
CA TYR B 391 20.25 -29.12 16.89
C TYR B 391 19.43 -30.13 16.08
N VAL B 392 18.54 -30.87 16.76
CA VAL B 392 17.49 -31.66 16.10
C VAL B 392 16.74 -30.82 15.06
N ASP B 393 16.29 -29.62 15.45
CA ASP B 393 15.26 -28.89 14.71
C ASP B 393 15.74 -28.44 13.33
N LYS B 394 17.06 -28.29 13.17
CA LYS B 394 17.61 -28.17 11.82
C LYS B 394 18.06 -29.50 11.26
N LEU B 395 18.50 -30.45 12.09
CA LEU B 395 18.96 -31.72 11.55
C LEU B 395 17.79 -32.59 11.12
N VAL B 396 16.61 -32.39 11.71
CA VAL B 396 15.43 -33.06 11.20
C VAL B 396 14.89 -32.27 10.01
N GLY B 397 15.29 -30.99 9.90
CA GLY B 397 14.94 -30.14 8.78
C GLY B 397 15.72 -30.40 7.51
N MET B 398 16.69 -31.31 7.56
CA MET B 398 17.50 -31.67 6.40
C MET B 398 16.65 -32.38 5.37
N ASN B 399 16.92 -32.09 4.10
CA ASN B 399 16.16 -32.65 3.00
C ASN B 399 16.91 -33.85 2.41
N ILE B 400 16.38 -34.37 1.30
CA ILE B 400 17.06 -35.40 0.54
C ILE B 400 18.18 -34.77 -0.29
N PHE B 401 18.13 -33.45 -0.46
CA PHE B 401 19.32 -32.67 -0.83
C PHE B 401 20.49 -32.95 0.12
N HIS B 402 20.19 -33.08 1.42
CA HIS B 402 21.24 -33.19 2.42
C HIS B 402 21.69 -34.65 2.57
N MET B 403 20.98 -35.58 1.95
CA MET B 403 21.27 -37.00 2.12
C MET B 403 22.28 -37.44 1.05
N THR B 404 23.37 -36.69 0.91
CA THR B 404 24.40 -36.95 -0.10
C THR B 404 25.77 -36.65 0.49
N SER B 405 26.81 -37.15 -0.19
CA SER B 405 28.17 -37.01 0.31
C SER B 405 28.80 -35.68 -0.09
N ASP B 406 28.47 -35.19 -1.29
CA ASP B 406 29.05 -33.92 -1.73
C ASP B 406 28.49 -32.75 -0.93
N GLU B 407 27.22 -32.84 -0.53
CA GLU B 407 26.69 -31.83 0.39
C GLU B 407 27.27 -31.95 1.78
N ALA B 408 27.68 -33.16 2.19
CA ALA B 408 28.44 -33.30 3.43
C ALA B 408 29.78 -32.58 3.34
N LYS B 409 30.45 -32.70 2.18
CA LYS B 409 31.70 -31.99 1.97
C LYS B 409 31.48 -30.47 1.90
N LYS B 410 30.36 -30.04 1.30
CA LYS B 410 30.05 -28.62 1.23
C LYS B 410 29.76 -28.04 2.61
N LEU B 411 29.02 -28.78 3.45
CA LEU B 411 28.71 -28.27 4.78
C LEU B 411 29.90 -28.37 5.73
N ALA B 412 30.80 -29.34 5.49
CA ALA B 412 32.07 -29.35 6.21
C ALA B 412 32.95 -28.17 5.78
N GLU B 413 32.88 -27.80 4.50
CA GLU B 413 33.58 -26.61 4.01
C GLU B 413 33.00 -25.35 4.62
N GLU B 414 31.67 -25.31 4.79
CA GLU B 414 31.03 -24.16 5.46
C GLU B 414 31.41 -24.10 6.93
N ALA B 415 31.51 -25.24 7.59
CA ALA B 415 31.97 -25.27 8.98
C ALA B 415 33.42 -24.82 9.11
N LYS B 416 34.26 -25.21 8.14
CA LYS B 416 35.66 -24.78 8.12
C LYS B 416 35.75 -23.28 7.85
N ALA B 417 34.90 -22.75 6.97
CA ALA B 417 34.89 -21.31 6.69
C ALA B 417 34.41 -20.52 7.90
N LYS B 418 33.41 -21.03 8.62
CA LYS B 418 32.96 -20.35 9.82
C LYS B 418 33.98 -20.45 10.94
N LYS B 419 34.75 -21.55 10.98
CA LYS B 419 35.83 -21.67 11.96
C LYS B 419 36.97 -20.69 11.65
N GLU B 420 37.37 -20.58 10.38
CA GLU B 420 38.45 -19.66 10.05
C GLU B 420 38.00 -18.21 10.20
N GLU B 421 36.70 -17.95 9.98
CA GLU B 421 36.17 -16.63 10.31
C GLU B 421 36.09 -16.42 11.82
N ASN B 422 35.93 -17.50 12.59
CA ASN B 422 35.88 -17.38 14.05
C ASN B 422 37.25 -17.00 14.61
N GLU B 423 38.31 -17.66 14.16
CA GLU B 423 39.65 -17.22 14.57
C GLU B 423 40.04 -15.90 13.89
N TYR B 424 39.44 -15.56 12.76
CA TYR B 424 39.68 -14.26 12.15
C TYR B 424 39.10 -13.14 12.99
N TRP B 425 37.89 -13.34 13.54
CA TRP B 425 37.29 -12.34 14.42
C TRP B 425 37.89 -12.39 15.82
N LYS B 426 38.48 -13.53 16.21
CA LYS B 426 39.19 -13.59 17.49
C LYS B 426 40.53 -12.89 17.42
N THR B 427 41.22 -12.96 16.28
CA THR B 427 42.53 -12.37 16.13
C THR B 427 42.50 -10.93 15.63
N THR B 428 41.34 -10.42 15.21
CA THR B 428 41.28 -9.06 14.73
C THR B 428 41.24 -8.08 15.91
N ASP B 429 41.39 -6.80 15.58
CA ASP B 429 41.42 -5.75 16.57
C ASP B 429 40.48 -4.63 16.12
N VAL B 430 40.19 -3.71 17.06
CA VAL B 430 39.30 -2.59 16.78
C VAL B 430 39.96 -1.59 15.84
N VAL B 431 41.25 -1.30 16.07
CA VAL B 431 41.93 -0.20 15.38
C VAL B 431 42.17 -0.52 13.92
N THR B 432 42.61 -1.75 13.62
CA THR B 432 42.79 -2.18 12.24
C THR B 432 41.45 -2.24 11.50
N GLU B 433 40.38 -2.60 12.20
CA GLU B 433 39.05 -2.57 11.62
C GLU B 433 38.62 -1.14 11.30
N TYR B 434 38.97 -0.19 12.17
CA TYR B 434 38.62 1.21 11.91
C TYR B 434 39.41 1.77 10.73
N THR B 435 40.66 1.35 10.58
CA THR B 435 41.44 1.80 9.43
C THR B 435 40.89 1.19 8.15
N LYS B 436 40.45 -0.07 8.20
CA LYS B 436 39.78 -0.67 7.06
C LYS B 436 38.46 0.04 6.75
N ASP B 437 37.72 0.44 7.78
CA ASP B 437 36.45 1.13 7.57
C ASP B 437 36.67 2.54 7.00
N LEU B 438 37.79 3.17 7.34
CA LEU B 438 38.16 4.40 6.65
C LEU B 438 38.68 4.12 5.25
N GLU B 439 39.08 2.87 4.96
CA GLU B 439 39.72 2.60 3.67
C GLU B 439 38.70 2.52 2.52
N GLU B 440 37.50 1.97 2.75
CA GLU B 440 36.55 1.98 1.63
C GLU B 440 35.79 3.29 1.46
N ILE B 441 36.16 4.37 2.16
CA ILE B 441 35.49 5.64 1.95
C ILE B 441 35.93 6.19 0.59
N LYS B 442 35.06 6.07 -0.41
CA LYS B 442 35.38 6.41 -1.78
C LYS B 442 34.94 7.84 -2.07
#